data_1P6X
#
_entry.id   1P6X
#
_cell.length_a   111.650
_cell.length_b   121.550
_cell.length_c   118.830
_cell.angle_alpha   90.00
_cell.angle_beta   90.00
_cell.angle_gamma   90.00
#
_symmetry.space_group_name_H-M   'C 2 2 21'
#
loop_
_entity.id
_entity.type
_entity.pdbx_description
1 polymer 'Thymidine kinase'
2 non-polymer 'SULFATE ION'
3 non-polymer THYMIDINE
4 water water
#
_entity_poly.entity_id   1
_entity_poly.type   'polypeptide(L)'
_entity_poly.pdbx_seq_one_letter_code
;GSHMVTIVRIYLDGVYGIGKSTTGRVMASAASGGSPTLYFPEPMAYWRTLFETDVISGIYDTQNRKQQGNLAVDDAALIT
AHYQSRFTTPYLILHDHTCTLFGGNSLQRGTQPDLTLVFDRHPVASTVCFPAARYLLGDMSMCALMAMVATLPREPQGGN
IVVTTLNVEEHIRRLRTRARIGEQIDITLIATLRNVYFMLVNTCHFLRSGRVWRDGWGELPTSCGAYKHRATQMDAFQER
VSPELGDTLFALFKTQELLDDRGVILEVHAWALDALMLKLRNLNVFSADLSGTPRQCAAVVESLLPLMSSTLSDFDSASA
LERAARTFNAEMGV
;
_entity_poly.pdbx_strand_id   A,B
#
loop_
_chem_comp.id
_chem_comp.type
_chem_comp.name
_chem_comp.formula
SO4 non-polymer 'SULFATE ION' 'O4 S -2'
THM DNA OH 5 prime terminus THYMIDINE 'C10 H14 N2 O5'
#
# COMPACT_ATOMS: atom_id res chain seq x y z
N SER A 2 11.35 26.12 -13.14
CA SER A 2 12.07 26.08 -14.46
C SER A 2 13.61 26.11 -14.32
N HIS A 3 14.11 27.04 -13.50
CA HIS A 3 15.52 27.14 -13.12
C HIS A 3 15.89 25.91 -12.27
N MET A 4 17.05 25.28 -12.53
CA MET A 4 17.40 23.98 -11.91
C MET A 4 17.78 24.10 -10.44
N VAL A 5 17.35 23.13 -9.61
CA VAL A 5 17.66 23.13 -8.19
C VAL A 5 18.17 21.73 -7.76
N THR A 6 19.28 21.70 -7.04
CA THR A 6 19.85 20.47 -6.50
C THR A 6 19.29 20.18 -5.10
N ILE A 7 18.79 18.96 -4.89
CA ILE A 7 18.14 18.61 -3.65
C ILE A 7 18.81 17.38 -3.09
N VAL A 8 19.11 17.42 -1.79
CA VAL A 8 19.34 16.18 -1.03
C VAL A 8 18.11 15.90 -0.16
N ARG A 9 17.53 14.72 -0.32
CA ARG A 9 16.51 14.29 0.63
C ARG A 9 17.01 13.18 1.54
N ILE A 10 16.68 13.36 2.81
CA ILE A 10 17.09 12.51 3.91
C ILE A 10 15.83 12.08 4.68
N TYR A 11 15.68 10.77 4.84
CA TYR A 11 14.65 10.23 5.75
C TYR A 11 15.37 9.81 7.00
N LEU A 12 15.08 10.51 8.09
CA LEU A 12 15.73 10.21 9.36
C LEU A 12 14.82 9.21 10.04
N ASP A 13 15.34 8.05 10.39
CA ASP A 13 14.48 7.00 10.93
C ASP A 13 15.08 6.33 12.15
N GLY A 14 14.26 5.55 12.85
CA GLY A 14 14.77 4.75 13.94
C GLY A 14 13.73 4.56 15.01
N VAL A 15 14.17 4.04 16.16
CA VAL A 15 13.22 3.70 17.24
C VAL A 15 12.70 4.97 17.89
N TYR A 16 11.44 4.97 18.29
CA TYR A 16 10.89 6.14 18.94
C TYR A 16 11.64 6.44 20.24
N GLY A 17 11.82 7.72 20.51
CA GLY A 17 12.45 8.14 21.75
C GLY A 17 13.93 8.42 21.69
N ILE A 18 14.61 8.15 20.57
CA ILE A 18 16.08 8.35 20.49
C ILE A 18 16.51 9.82 20.27
N GLY A 19 15.61 10.67 19.79
CA GLY A 19 15.92 12.08 19.57
C GLY A 19 15.91 12.51 18.11
N LYS A 20 15.30 11.68 17.25
CA LYS A 20 15.17 11.94 15.82
C LYS A 20 14.43 13.26 15.48
N SER A 21 13.24 13.44 16.04
CA SER A 21 12.41 14.60 15.73
C SER A 21 13.08 15.90 16.12
N THR A 22 13.72 15.91 17.29
CA THR A 22 14.46 17.07 17.79
C THR A 22 15.66 17.37 16.87
N THR A 23 16.39 16.33 16.48
CA THR A 23 17.50 16.47 15.52
C THR A 23 17.01 17.10 14.21
N GLY A 24 15.94 16.54 13.64
CA GLY A 24 15.37 17.05 12.41
C GLY A 24 14.94 18.51 12.49
N ARG A 25 14.34 18.90 13.61
CA ARG A 25 13.92 20.28 13.80
C ARG A 25 15.11 21.24 13.83
N VAL A 26 16.20 20.82 14.47
CA VAL A 26 17.42 21.65 14.53
C VAL A 26 18.00 21.79 13.12
N MET A 27 18.02 20.68 12.38
CA MET A 27 18.47 20.73 10.98
C MET A 27 17.73 21.79 10.17
N ALA A 28 16.42 21.84 10.34
CA ALA A 28 15.60 22.79 9.62
C ALA A 28 15.76 24.23 10.10
N SER A 29 16.15 24.39 11.36
CA SER A 29 16.35 25.72 11.94
C SER A 29 17.50 26.42 11.25
N ALA A 30 17.34 27.71 10.95
CA ALA A 30 18.41 28.53 10.42
C ALA A 30 19.65 28.57 11.34
N ALA A 31 19.43 28.45 12.65
CA ALA A 31 20.54 28.48 13.60
C ALA A 31 21.59 27.38 13.36
N SER A 32 21.18 26.28 12.72
CA SER A 32 22.14 25.21 12.46
C SER A 32 22.98 25.48 11.22
N GLY A 33 22.68 26.55 10.48
CA GLY A 33 23.48 26.89 9.31
C GLY A 33 23.39 25.84 8.22
N GLY A 34 24.49 25.60 7.52
CA GLY A 34 24.51 24.62 6.44
C GLY A 34 23.54 24.94 5.30
N SER A 35 22.88 23.90 4.81
CA SER A 35 21.96 24.05 3.68
C SER A 35 20.57 24.51 4.17
N PRO A 36 19.84 25.36 3.42
CA PRO A 36 18.42 25.64 3.69
C PRO A 36 17.70 24.31 3.68
N THR A 37 16.93 24.05 4.73
CA THR A 37 16.44 22.70 5.00
C THR A 37 14.95 22.74 5.33
N LEU A 38 14.18 21.81 4.75
CA LEU A 38 12.77 21.65 5.10
C LEU A 38 12.59 20.39 5.95
N TYR A 39 11.73 20.48 6.95
CA TYR A 39 11.48 19.33 7.81
C TYR A 39 10.02 18.96 7.78
N PHE A 40 9.77 17.67 7.57
CA PHE A 40 8.43 17.09 7.52
C PHE A 40 8.27 16.20 8.76
N PRO A 41 7.47 16.67 9.71
CA PRO A 41 7.34 15.98 11.02
C PRO A 41 6.60 14.65 10.89
N GLU A 42 6.62 13.82 11.94
CA GLU A 42 5.65 12.72 12.06
C GLU A 42 4.23 13.28 11.91
N PRO A 43 3.39 12.55 11.22
CA PRO A 43 2.00 12.98 10.97
C PRO A 43 1.09 12.81 12.20
N MET A 44 1.48 13.47 13.29
CA MET A 44 0.88 13.25 14.60
C MET A 44 -0.64 13.48 14.61
N ALA A 45 -1.10 14.56 14.00
CA ALA A 45 -2.55 14.86 13.97
C ALA A 45 -3.33 13.84 13.16
N TYR A 46 -2.70 13.31 12.10
CA TYR A 46 -3.37 12.33 11.27
C TYR A 46 -3.60 11.08 12.13
N TRP A 47 -2.58 10.71 12.88
CA TRP A 47 -2.65 9.59 13.80
C TRP A 47 -3.63 9.77 14.98
N ARG A 48 -3.67 10.98 15.53
CA ARG A 48 -4.25 11.18 16.85
C ARG A 48 -5.56 11.99 16.89
N THR A 49 -5.64 13.07 16.11
CA THR A 49 -6.78 14.01 16.19
C THR A 49 -7.67 14.20 14.95
N LEU A 50 -7.19 13.84 13.76
CA LEU A 50 -8.00 14.11 12.56
C LEU A 50 -9.26 13.26 12.44
N PHE A 51 -9.23 12.04 12.96
CA PHE A 51 -10.36 11.12 12.91
C PHE A 51 -10.87 10.76 14.32
N GLU A 52 -11.90 9.93 14.42
CA GLU A 52 -12.46 9.56 15.71
C GLU A 52 -11.47 8.80 16.60
N THR A 53 -10.74 7.86 16.01
CA THR A 53 -9.82 7.00 16.74
C THR A 53 -8.38 7.53 16.76
N ASP A 54 -7.75 7.40 17.93
CA ASP A 54 -6.34 7.73 18.13
C ASP A 54 -5.55 6.42 17.98
N VAL A 55 -4.84 6.27 16.85
CA VAL A 55 -4.15 5.00 16.58
C VAL A 55 -3.03 4.68 17.58
N ILE A 56 -2.41 5.71 18.16
CA ILE A 56 -1.33 5.45 19.13
C ILE A 56 -1.93 4.89 20.40
N SER A 57 -2.97 5.55 20.92
CA SER A 57 -3.71 5.05 22.08
C SER A 57 -4.28 3.69 21.79
N GLY A 58 -4.81 3.54 20.57
CA GLY A 58 -5.51 2.34 20.16
C GLY A 58 -4.61 1.12 20.10
N ILE A 59 -3.42 1.27 19.52
CA ILE A 59 -2.51 0.13 19.40
C ILE A 59 -1.97 -0.30 20.76
N TYR A 60 -1.65 0.67 21.63
CA TYR A 60 -1.21 0.31 22.98
C TYR A 60 -2.38 -0.21 23.82
N ASP A 61 -3.56 0.39 23.66
CA ASP A 61 -4.74 -0.05 24.40
C ASP A 61 -5.26 -1.44 23.99
N THR A 62 -5.03 -1.81 22.74
CA THR A 62 -5.43 -3.13 22.24
C THR A 62 -4.73 -4.23 23.02
N GLN A 63 -3.42 -4.06 23.24
CA GLN A 63 -2.61 -5.04 23.96
C GLN A 63 -3.05 -5.19 25.42
N ASN A 64 -3.47 -4.07 26.02
CA ASN A 64 -3.98 -4.08 27.41
C ASN A 64 -5.30 -4.83 27.54
N ARG A 65 -6.21 -4.58 26.60
CA ARG A 65 -7.50 -5.28 26.53
C ARG A 65 -7.32 -6.79 26.34
N LYS A 66 -6.22 -7.17 25.70
CA LYS A 66 -5.91 -8.56 25.42
C LYS A 66 -5.38 -9.27 26.67
N GLN A 67 -4.37 -8.67 27.31
CA GLN A 67 -3.73 -9.21 28.51
C GLN A 67 -4.70 -9.38 29.69
N GLN A 68 -5.65 -8.46 29.83
CA GLN A 68 -6.65 -8.57 30.90
C GLN A 68 -7.75 -9.60 30.56
N GLY A 69 -8.26 -9.56 29.33
CA GLY A 69 -9.20 -10.56 28.86
C GLY A 69 -10.58 -10.03 28.50
N ASN A 70 -10.65 -8.77 28.06
CA ASN A 70 -11.89 -8.20 27.53
C ASN A 70 -11.91 -8.30 26.00
N LEU A 71 -10.81 -8.82 25.45
CA LEU A 71 -10.62 -8.98 24.02
C LEU A 71 -9.80 -10.23 23.74
N ALA A 72 -10.33 -11.11 22.89
CA ALA A 72 -9.68 -12.37 22.56
C ALA A 72 -8.35 -12.14 21.81
N VAL A 73 -7.42 -13.08 21.98
CA VAL A 73 -6.11 -13.03 21.33
C VAL A 73 -6.22 -12.95 19.79
N ASP A 74 -7.08 -13.78 19.20
CA ASP A 74 -7.33 -13.77 17.75
C ASP A 74 -7.81 -12.41 17.28
N ASP A 75 -8.80 -11.86 17.98
CA ASP A 75 -9.33 -10.56 17.64
C ASP A 75 -8.29 -9.44 17.81
N ALA A 76 -7.51 -9.53 18.88
CA ALA A 76 -6.49 -8.52 19.19
C ALA A 76 -5.43 -8.47 18.09
N ALA A 77 -4.98 -9.63 17.65
CA ALA A 77 -3.99 -9.73 16.58
C ALA A 77 -4.47 -8.99 15.34
N LEU A 78 -5.74 -9.21 14.98
CA LEU A 78 -6.38 -8.50 13.87
C LEU A 78 -6.53 -7.01 14.06
N ILE A 79 -6.92 -6.58 15.25
CA ILE A 79 -7.09 -5.15 15.53
C ILE A 79 -5.73 -4.43 15.53
N THR A 80 -4.70 -5.13 16.01
CA THR A 80 -3.34 -4.58 16.04
C THR A 80 -2.85 -4.32 14.63
N ALA A 81 -3.11 -5.28 13.76
CA ALA A 81 -2.68 -5.16 12.39
C ALA A 81 -3.38 -3.96 11.76
N HIS A 82 -4.66 -3.77 12.04
CA HIS A 82 -5.34 -2.66 11.42
C HIS A 82 -4.81 -1.32 11.90
N TYR A 83 -4.47 -1.23 13.20
CA TYR A 83 -3.87 -0.01 13.73
C TYR A 83 -2.54 0.25 13.05
N GLN A 84 -1.75 -0.80 12.89
CA GLN A 84 -0.45 -0.67 12.22
C GLN A 84 -0.65 -0.20 10.79
N SER A 85 -1.73 -0.64 10.13
CA SER A 85 -2.05 -0.15 8.81
C SER A 85 -2.30 1.34 8.79
N ARG A 86 -3.08 1.81 9.77
CA ARG A 86 -3.43 3.21 9.82
C ARG A 86 -2.19 4.10 10.09
N PHE A 87 -1.16 3.57 10.75
CA PHE A 87 0.04 4.37 10.92
C PHE A 87 0.61 4.76 9.53
N THR A 88 0.51 3.85 8.54
CA THR A 88 1.20 4.03 7.26
C THR A 88 0.55 5.08 6.37
N THR A 89 -0.77 5.26 6.54
CA THR A 89 -1.56 6.08 5.64
C THR A 89 -0.97 7.44 5.33
N PRO A 90 -0.73 8.28 6.34
CA PRO A 90 -0.23 9.62 6.07
C PRO A 90 1.19 9.63 5.45
N TYR A 91 1.96 8.57 5.70
CA TYR A 91 3.27 8.40 5.03
C TYR A 91 3.12 8.07 3.57
N LEU A 92 2.17 7.20 3.25
CA LEU A 92 1.92 6.87 1.85
C LEU A 92 1.41 8.07 1.07
N ILE A 93 0.53 8.85 1.70
CA ILE A 93 0.03 10.07 1.10
C ILE A 93 1.15 11.09 0.87
N LEU A 94 1.98 11.28 1.88
CA LEU A 94 3.06 12.25 1.77
C LEU A 94 4.06 11.79 0.68
N HIS A 95 4.37 10.51 0.69
CA HIS A 95 5.32 9.96 -0.31
C HIS A 95 4.80 10.14 -1.77
N ASP A 96 3.50 9.87 -1.98
CA ASP A 96 2.87 10.01 -3.30
C ASP A 96 2.93 11.46 -3.73
N HIS A 97 2.67 12.38 -2.81
CA HIS A 97 2.71 13.81 -3.14
C HIS A 97 4.15 14.29 -3.44
N THR A 98 5.12 13.91 -2.62
CA THR A 98 6.45 14.52 -2.79
C THR A 98 7.32 13.87 -3.86
N CYS A 99 7.07 12.59 -4.16
CA CYS A 99 7.92 11.86 -5.07
C CYS A 99 7.89 12.42 -6.49
N THR A 100 6.80 13.10 -6.83
CA THR A 100 6.67 13.81 -8.10
C THR A 100 7.53 15.10 -8.21
N LEU A 101 8.13 15.52 -7.09
CA LEU A 101 8.80 16.83 -7.04
C LEU A 101 10.32 16.77 -6.92
N PHE A 102 10.86 15.59 -6.58
CA PHE A 102 12.32 15.47 -6.32
C PHE A 102 13.18 15.63 -7.54
N GLY A 103 12.61 15.25 -8.68
CA GLY A 103 13.33 15.21 -9.94
C GLY A 103 14.21 13.97 -10.04
N GLY A 104 14.92 13.86 -11.15
CA GLY A 104 15.77 12.71 -11.40
C GLY A 104 17.25 13.02 -11.35
N ASN A 105 18.02 12.34 -12.20
CA ASN A 105 19.46 12.56 -12.29
C ASN A 105 20.13 12.39 -10.93
N SER A 106 19.72 11.34 -10.21
CA SER A 106 20.35 11.01 -8.94
C SER A 106 21.84 10.72 -9.14
N LEU A 107 22.68 11.31 -8.29
CA LEU A 107 24.12 11.07 -8.33
C LEU A 107 24.68 11.39 -6.97
N GLN A 108 25.82 10.80 -6.62
CA GLN A 108 26.60 11.28 -5.50
C GLN A 108 27.55 12.39 -5.96
N ARG A 109 27.09 13.64 -5.82
CA ARG A 109 27.81 14.81 -6.35
C ARG A 109 28.91 15.32 -5.43
N GLY A 110 28.79 15.04 -4.14
CA GLY A 110 29.76 15.51 -3.17
C GLY A 110 29.62 16.96 -2.77
N THR A 111 28.92 17.75 -3.56
CA THR A 111 28.81 19.18 -3.28
C THR A 111 27.62 19.46 -2.37
N GLN A 112 27.54 20.68 -1.84
CA GLN A 112 26.40 21.07 -1.01
C GLN A 112 25.19 21.32 -1.90
N PRO A 113 24.01 20.81 -1.53
CA PRO A 113 22.84 20.97 -2.39
C PRO A 113 22.33 22.42 -2.30
N ASP A 114 21.40 22.80 -3.17
CA ASP A 114 20.73 24.07 -3.01
C ASP A 114 19.82 23.99 -1.80
N LEU A 115 19.18 22.84 -1.60
CA LEU A 115 18.39 22.62 -0.39
C LEU A 115 18.32 21.18 0.03
N THR A 116 17.97 20.98 1.29
CA THR A 116 17.93 19.68 1.93
C THR A 116 16.50 19.47 2.40
N LEU A 117 16.00 18.26 2.21
CA LEU A 117 14.74 17.81 2.79
C LEU A 117 15.01 16.74 3.86
N VAL A 118 14.36 16.88 5.01
CA VAL A 118 14.52 15.89 6.05
C VAL A 118 13.09 15.45 6.36
N PHE A 119 12.84 14.19 6.10
CA PHE A 119 11.58 13.55 6.42
C PHE A 119 11.70 12.81 7.73
N ASP A 120 10.74 13.02 8.64
CA ASP A 120 10.76 12.24 9.88
C ASP A 120 10.15 10.88 9.59
N ARG A 121 11.02 9.89 9.45
CA ARG A 121 10.75 8.51 9.01
C ARG A 121 10.52 8.39 7.51
N HIS A 122 10.81 7.20 7.01
CA HIS A 122 10.46 6.77 5.69
C HIS A 122 9.25 5.83 5.87
N PRO A 123 8.43 5.65 4.82
CA PRO A 123 7.36 4.64 4.82
C PRO A 123 7.76 3.23 5.27
N VAL A 124 9.04 2.89 5.17
CA VAL A 124 9.54 1.60 5.65
C VAL A 124 9.31 1.41 7.17
N ALA A 125 9.23 2.51 7.91
CA ALA A 125 9.03 2.44 9.37
C ALA A 125 7.70 1.78 9.66
N SER A 126 6.65 2.26 9.01
CA SER A 126 5.29 1.83 9.32
C SER A 126 4.84 0.61 8.50
N THR A 127 5.50 0.36 7.38
CA THR A 127 5.07 -0.79 6.56
C THR A 127 5.90 -2.02 6.84
N VAL A 128 7.11 -1.83 7.38
CA VAL A 128 8.06 -2.92 7.56
C VAL A 128 8.59 -3.06 8.99
N CYS A 129 9.24 -2.01 9.52
CA CYS A 129 9.91 -2.13 10.82
C CYS A 129 8.99 -2.40 12.03
N PHE A 130 7.99 -1.55 12.20
CA PHE A 130 7.06 -1.68 13.32
C PHE A 130 6.18 -2.93 13.18
N PRO A 131 5.65 -3.22 11.99
CA PRO A 131 5.01 -4.53 11.75
C PRO A 131 5.93 -5.70 12.04
N ALA A 132 7.19 -5.65 11.61
CA ALA A 132 8.08 -6.75 11.95
C ALA A 132 8.24 -6.91 13.46
N ALA A 133 8.46 -5.81 14.17
CA ALA A 133 8.59 -5.88 15.61
C ALA A 133 7.36 -6.54 16.23
N ARG A 134 6.18 -6.06 15.85
CA ARG A 134 4.92 -6.63 16.35
C ARG A 134 4.77 -8.12 16.06
N TYR A 135 5.16 -8.54 14.86
CA TYR A 135 5.20 -9.95 14.48
C TYR A 135 6.16 -10.78 15.32
N LEU A 136 7.37 -10.27 15.53
CA LEU A 136 8.35 -10.98 16.33
C LEU A 136 7.93 -11.15 17.79
N LEU A 137 7.19 -10.18 18.32
CA LEU A 137 6.66 -10.22 19.68
C LEU A 137 5.35 -11.02 19.83
N GLY A 138 4.79 -11.49 18.72
CA GLY A 138 3.59 -12.32 18.73
C GLY A 138 2.30 -11.52 18.84
N ASP A 139 2.35 -10.22 18.52
CA ASP A 139 1.16 -9.37 18.56
C ASP A 139 0.40 -9.34 17.25
N MET A 140 0.99 -9.88 16.17
CA MET A 140 0.26 -10.05 14.90
C MET A 140 0.93 -11.12 14.05
N SER A 141 0.21 -11.64 13.05
CA SER A 141 0.66 -12.83 12.33
C SER A 141 1.59 -12.51 11.17
N MET A 142 2.22 -13.54 10.61
CA MET A 142 2.97 -13.38 9.37
C MET A 142 2.06 -12.86 8.23
N CYS A 143 0.81 -13.37 8.20
CA CYS A 143 -0.12 -12.94 7.16
C CYS A 143 -0.28 -11.43 7.18
N ALA A 144 -0.46 -10.89 8.40
CA ALA A 144 -0.65 -9.46 8.60
C ALA A 144 0.62 -8.71 8.24
N LEU A 145 1.77 -9.29 8.60
CA LEU A 145 3.07 -8.70 8.24
C LEU A 145 3.20 -8.56 6.72
N MET A 146 2.91 -9.64 5.99
CA MET A 146 2.98 -9.63 4.54
C MET A 146 2.07 -8.55 3.98
N ALA A 147 0.89 -8.38 4.58
CA ALA A 147 -0.04 -7.36 4.13
C ALA A 147 0.50 -5.95 4.28
N MET A 148 1.20 -5.67 5.38
CA MET A 148 1.81 -4.34 5.51
C MET A 148 3.02 -4.18 4.59
N VAL A 149 3.85 -5.22 4.52
CA VAL A 149 5.09 -5.17 3.74
C VAL A 149 4.83 -4.91 2.24
N ALA A 150 3.81 -5.59 1.72
CA ALA A 150 3.32 -5.37 0.35
C ALA A 150 2.98 -3.90 0.03
N THR A 151 2.60 -3.12 1.04
CA THR A 151 2.22 -1.74 0.80
C THR A 151 3.40 -0.75 0.84
N LEU A 152 4.61 -1.24 1.15
CA LEU A 152 5.80 -0.38 1.05
C LEU A 152 5.90 0.21 -0.39
N PRO A 153 5.97 1.53 -0.52
CA PRO A 153 6.08 2.11 -1.86
C PRO A 153 7.52 2.03 -2.34
N ARG A 154 7.71 1.87 -3.64
CA ARG A 154 9.03 1.96 -4.24
C ARG A 154 9.68 3.35 -4.05
N GLU A 155 10.93 3.38 -3.59
CA GLU A 155 11.68 4.65 -3.56
C GLU A 155 12.25 4.97 -4.95
N PRO A 156 11.91 6.15 -5.48
CA PRO A 156 12.54 6.59 -6.73
C PRO A 156 13.99 6.95 -6.48
N GLN A 157 14.74 7.16 -7.55
CA GLN A 157 16.18 7.40 -7.43
C GLN A 157 16.49 8.59 -6.50
N GLY A 158 17.58 8.47 -5.74
CA GLY A 158 18.08 9.59 -4.97
C GLY A 158 17.75 9.62 -3.50
N GLY A 159 17.02 8.63 -2.99
CA GLY A 159 16.76 8.54 -1.57
C GLY A 159 17.98 8.33 -0.67
N ASN A 160 18.00 9.02 0.48
CA ASN A 160 18.96 8.72 1.54
C ASN A 160 18.22 8.45 2.82
N ILE A 161 18.57 7.38 3.50
CA ILE A 161 17.98 7.10 4.80
C ILE A 161 19.06 7.12 5.86
N VAL A 162 18.79 7.80 6.96
CA VAL A 162 19.74 7.87 8.07
C VAL A 162 19.05 7.21 9.25
N VAL A 163 19.56 6.06 9.65
CA VAL A 163 19.00 5.37 10.79
C VAL A 163 19.68 5.86 12.06
N THR A 164 18.90 6.32 13.03
CA THR A 164 19.48 6.87 14.25
C THR A 164 19.84 5.75 15.21
N THR A 165 20.98 5.90 15.89
CA THR A 165 21.46 4.92 16.86
C THR A 165 21.79 5.66 18.16
N LEU A 166 21.72 4.92 19.25
CA LEU A 166 21.93 5.47 20.60
C LEU A 166 22.07 4.30 21.56
N ASN A 167 23.04 4.38 22.47
CA ASN A 167 23.22 3.34 23.49
C ASN A 167 21.93 3.23 24.30
N VAL A 168 21.53 2.00 24.64
CA VAL A 168 20.21 1.76 25.20
C VAL A 168 19.91 2.45 26.53
N GLU A 169 20.95 2.59 27.35
CA GLU A 169 20.78 3.23 28.66
C GLU A 169 20.33 4.70 28.47
N GLU A 170 21.02 5.43 27.59
CA GLU A 170 20.65 6.81 27.26
C GLU A 170 19.30 6.91 26.52
N HIS A 171 19.02 5.95 25.63
CA HIS A 171 17.71 5.84 24.97
C HIS A 171 16.55 5.77 25.99
N ILE A 172 16.64 4.83 26.94
CA ILE A 172 15.61 4.68 27.95
C ILE A 172 15.53 5.92 28.86
N ARG A 173 16.67 6.47 29.21
CA ARG A 173 16.73 7.76 29.92
C ARG A 173 15.88 8.82 29.20
N ARG A 174 16.12 9.02 27.91
CA ARG A 174 15.32 9.95 27.10
C ARG A 174 13.80 9.66 27.10
N LEU A 175 13.41 8.40 26.94
CA LEU A 175 12.01 8.02 27.10
C LEU A 175 11.48 8.33 28.50
N ARG A 176 12.31 8.10 29.52
CA ARG A 176 11.92 8.36 30.92
C ARG A 176 11.62 9.83 31.22
N THR A 177 12.53 10.73 30.85
CA THR A 177 12.31 12.18 31.02
C THR A 177 11.05 12.65 30.32
N ARG A 178 10.77 12.06 29.16
CA ARG A 178 9.62 12.42 28.32
C ARG A 178 8.29 11.92 28.90
N ALA A 179 8.36 10.81 29.63
CA ALA A 179 7.16 10.15 30.18
C ALA A 179 6.61 10.87 31.42
N ARG A 180 5.32 10.64 31.70
CA ARG A 180 4.66 11.24 32.86
C ARG A 180 5.15 10.64 34.19
N ILE A 181 4.47 10.99 35.28
CA ILE A 181 4.93 10.73 36.65
C ILE A 181 5.45 9.32 36.93
N GLY A 182 4.65 8.31 36.60
CA GLY A 182 5.03 6.93 36.87
C GLY A 182 4.86 6.00 35.69
N GLU A 183 4.78 6.61 34.50
CA GLU A 183 4.46 5.91 33.25
C GLU A 183 5.45 4.78 32.95
N GLN A 184 4.92 3.62 32.60
CA GLN A 184 5.75 2.49 32.19
C GLN A 184 6.29 2.69 30.77
N ILE A 185 7.39 1.99 30.48
CA ILE A 185 7.92 1.97 29.13
C ILE A 185 7.93 0.52 28.65
N ASP A 186 7.43 0.29 27.44
CA ASP A 186 7.44 -1.05 26.84
C ASP A 186 8.87 -1.43 26.45
N ILE A 187 9.66 -1.86 27.43
CA ILE A 187 11.06 -2.22 27.20
C ILE A 187 11.24 -3.35 26.17
N THR A 188 10.37 -4.34 26.23
CA THR A 188 10.43 -5.46 25.30
C THR A 188 10.24 -5.04 23.82
N LEU A 189 9.26 -4.17 23.61
CA LEU A 189 9.02 -3.60 22.30
C LEU A 189 10.23 -2.78 21.82
N ILE A 190 10.76 -1.96 22.70
CA ILE A 190 11.92 -1.13 22.34
C ILE A 190 13.14 -1.99 21.98
N ALA A 191 13.41 -3.02 22.79
CA ALA A 191 14.50 -3.96 22.48
C ALA A 191 14.36 -4.59 21.09
N THR A 192 13.16 -5.01 20.76
CA THR A 192 12.87 -5.63 19.46
C THR A 192 13.02 -4.62 18.31
N LEU A 193 12.46 -3.42 18.50
CA LEU A 193 12.51 -2.37 17.45
C LEU A 193 13.95 -1.97 17.17
N ARG A 194 14.76 -1.89 18.24
CA ARG A 194 16.16 -1.60 18.11
C ARG A 194 16.86 -2.64 17.23
N ASN A 195 16.58 -3.93 17.44
CA ASN A 195 17.13 -4.98 16.57
C ASN A 195 16.60 -4.88 15.14
N VAL A 196 15.29 -4.64 15.00
CA VAL A 196 14.67 -4.48 13.67
C VAL A 196 15.33 -3.35 12.87
N TYR A 197 15.64 -2.23 13.52
CA TYR A 197 16.33 -1.16 12.80
C TYR A 197 17.77 -1.50 12.45
N PHE A 198 18.44 -2.28 13.28
CA PHE A 198 19.76 -2.81 12.86
C PHE A 198 19.62 -3.80 11.68
N MET A 199 18.59 -4.63 11.70
CA MET A 199 18.28 -5.50 10.54
C MET A 199 18.06 -4.68 9.27
N LEU A 200 17.33 -3.56 9.39
CA LEU A 200 17.10 -2.68 8.24
C LEU A 200 18.42 -2.14 7.69
N VAL A 201 19.22 -1.57 8.59
CA VAL A 201 20.54 -1.06 8.19
C VAL A 201 21.33 -2.15 7.47
N ASN A 202 21.37 -3.32 8.08
CA ASN A 202 22.10 -4.45 7.51
C ASN A 202 21.58 -4.89 6.16
N THR A 203 20.25 -4.88 6.00
CA THR A 203 19.60 -5.19 4.73
C THR A 203 20.08 -4.25 3.61
N CYS A 204 20.09 -2.95 3.89
CA CYS A 204 20.51 -1.99 2.88
C CYS A 204 21.97 -2.18 2.51
N HIS A 205 22.85 -2.37 3.51
CA HIS A 205 24.27 -2.69 3.29
C HIS A 205 24.40 -3.96 2.44
N PHE A 206 23.63 -4.99 2.81
CA PHE A 206 23.60 -6.29 2.12
C PHE A 206 23.25 -6.12 0.63
N LEU A 207 22.22 -5.35 0.33
CA LEU A 207 21.83 -5.11 -1.07
C LEU A 207 22.84 -4.26 -1.86
N ARG A 208 23.48 -3.32 -1.17
CA ARG A 208 24.46 -2.43 -1.83
C ARG A 208 25.73 -3.17 -2.23
N SER A 209 26.09 -4.21 -1.48
CA SER A 209 27.15 -5.13 -1.87
C SER A 209 26.78 -6.05 -3.05
N GLY A 210 25.56 -5.91 -3.58
CA GLY A 210 25.14 -6.67 -4.75
C GLY A 210 24.50 -8.01 -4.43
N ARG A 211 24.39 -8.34 -3.15
CA ARG A 211 23.80 -9.62 -2.78
C ARG A 211 22.28 -9.55 -2.87
N VAL A 212 21.62 -10.72 -2.94
CA VAL A 212 20.15 -10.80 -3.06
C VAL A 212 19.62 -11.72 -1.97
N TRP A 213 18.31 -11.68 -1.68
CA TRP A 213 17.80 -12.45 -0.54
C TRP A 213 18.00 -13.96 -0.67
N ARG A 214 18.08 -14.45 -1.91
CA ARG A 214 18.40 -15.87 -2.16
C ARG A 214 19.83 -16.26 -1.78
N ASP A 215 20.75 -15.29 -1.71
CA ASP A 215 22.14 -15.58 -1.32
C ASP A 215 22.26 -16.02 0.14
N GLY A 216 22.54 -17.32 0.35
CA GLY A 216 22.59 -17.89 1.68
C GLY A 216 21.25 -18.34 2.25
N TRP A 217 20.20 -18.27 1.42
CA TRP A 217 18.83 -18.62 1.83
C TRP A 217 18.67 -20.11 2.12
N GLY A 218 19.20 -20.94 1.23
CA GLY A 218 19.16 -22.39 1.37
C GLY A 218 19.76 -22.85 2.69
N GLU A 219 20.92 -22.28 3.01
CA GLU A 219 21.69 -22.64 4.20
C GLU A 219 21.16 -22.03 5.50
N LEU A 220 20.35 -20.98 5.38
CA LEU A 220 19.75 -20.32 6.54
C LEU A 220 18.84 -21.26 7.32
N PRO A 221 18.96 -21.27 8.64
CA PRO A 221 18.03 -22.00 9.51
C PRO A 221 16.66 -21.38 9.43
N THR A 222 15.60 -22.19 9.54
CA THR A 222 14.25 -21.64 9.58
C THR A 222 14.06 -20.77 10.82
N SER A 223 13.31 -19.69 10.66
CA SER A 223 13.20 -18.70 11.73
C SER A 223 11.95 -18.93 12.60
N CYS A 224 12.02 -19.95 13.48
CA CYS A 224 10.91 -20.28 14.38
C CYS A 224 11.09 -19.67 15.77
N GLY A 225 10.79 -20.45 16.81
CA GLY A 225 10.80 -19.97 18.19
C GLY A 225 12.09 -19.31 18.64
N ALA A 226 13.23 -19.91 18.30
CA ALA A 226 14.53 -19.42 18.73
C ALA A 226 14.92 -18.10 18.06
N TYR A 227 14.65 -18.00 16.75
CA TYR A 227 14.95 -16.77 16.03
C TYR A 227 14.18 -15.64 16.69
N LYS A 228 12.92 -15.87 16.99
CA LYS A 228 12.06 -14.86 17.60
C LYS A 228 12.58 -14.43 18.98
N HIS A 229 13.09 -15.38 19.77
CA HIS A 229 13.65 -15.04 21.08
C HIS A 229 14.84 -14.13 20.89
N ARG A 230 15.72 -14.52 19.97
CA ARG A 230 16.89 -13.72 19.69
C ARG A 230 16.50 -12.30 19.22
N ALA A 231 15.44 -12.22 18.43
CA ALA A 231 15.01 -10.96 17.81
C ALA A 231 14.46 -9.97 18.83
N THR A 232 13.93 -10.48 19.94
CA THR A 232 13.45 -9.60 21.00
C THR A 232 14.51 -9.34 22.07
N GLN A 233 15.69 -9.92 21.89
CA GLN A 233 16.74 -9.88 22.93
C GLN A 233 17.53 -8.57 22.84
N MET A 234 17.61 -7.84 23.95
CA MET A 234 18.34 -6.57 23.98
C MET A 234 19.78 -6.68 23.46
N ASP A 235 20.14 -5.79 22.54
CA ASP A 235 21.47 -5.72 21.91
C ASP A 235 21.86 -6.96 21.09
N ALA A 236 20.91 -7.81 20.72
CA ALA A 236 21.27 -9.04 19.99
C ALA A 236 21.78 -8.76 18.57
N PHE A 237 21.30 -7.67 17.97
CA PHE A 237 21.69 -7.29 16.63
C PHE A 237 22.47 -5.97 16.69
N GLN A 238 23.28 -5.75 15.65
CA GLN A 238 24.11 -4.56 15.54
C GLN A 238 24.35 -4.31 14.08
N GLU A 239 24.87 -3.13 13.76
CA GLU A 239 25.21 -2.78 12.39
C GLU A 239 26.44 -3.58 11.97
N ARG A 240 26.33 -4.28 10.85
CA ARG A 240 27.44 -5.10 10.42
C ARG A 240 28.29 -4.47 9.34
N VAL A 241 29.60 -4.63 9.47
CA VAL A 241 30.52 -4.27 8.40
C VAL A 241 30.18 -5.12 7.16
N SER A 242 30.20 -6.43 7.31
CA SER A 242 29.86 -7.33 6.19
C SER A 242 28.71 -8.21 6.61
N PRO A 243 27.49 -7.74 6.37
CA PRO A 243 26.33 -8.48 6.88
C PRO A 243 26.10 -9.69 6.01
N GLU A 244 25.68 -10.78 6.64
CA GLU A 244 25.16 -11.88 5.86
C GLU A 244 23.65 -11.99 6.06
N LEU A 245 23.03 -12.91 5.33
CA LEU A 245 21.58 -12.97 5.28
C LEU A 245 20.93 -12.94 6.65
N GLY A 246 21.52 -13.65 7.61
CA GLY A 246 20.94 -13.76 8.95
C GLY A 246 20.92 -12.47 9.74
N ASP A 247 21.62 -11.44 9.24
CA ASP A 247 21.66 -10.14 9.89
C ASP A 247 20.57 -9.19 9.36
N THR A 248 19.85 -9.62 8.33
CA THR A 248 18.94 -8.75 7.59
C THR A 248 17.46 -9.07 7.84
N LEU A 249 16.59 -8.21 7.32
CA LEU A 249 15.15 -8.39 7.42
C LEU A 249 14.68 -9.65 6.70
N PHE A 250 15.43 -10.11 5.70
CA PHE A 250 15.00 -11.26 4.91
C PHE A 250 14.87 -12.54 5.75
N ALA A 251 15.79 -12.71 6.70
CA ALA A 251 15.87 -13.92 7.54
C ALA A 251 14.56 -14.28 8.25
N LEU A 252 13.81 -13.29 8.72
CA LEU A 252 12.58 -13.63 9.42
C LEU A 252 11.50 -14.31 8.52
N PHE A 253 11.63 -14.14 7.21
CA PHE A 253 10.65 -14.69 6.28
C PHE A 253 10.84 -16.18 5.99
N LYS A 254 11.97 -16.75 6.38
CA LYS A 254 12.14 -18.21 6.24
C LYS A 254 11.50 -18.94 7.40
N THR A 255 10.16 -19.00 7.41
CA THR A 255 9.37 -19.74 8.40
C THR A 255 8.45 -20.68 7.68
N GLN A 256 8.06 -21.75 8.38
CA GLN A 256 7.19 -22.79 7.79
C GLN A 256 5.93 -22.23 7.13
N GLU A 257 5.33 -21.24 7.75
CA GLU A 257 4.12 -20.57 7.25
C GLU A 257 4.21 -20.17 5.78
N LEU A 258 5.44 -19.98 5.27
CA LEU A 258 5.67 -19.52 3.91
C LEU A 258 6.27 -20.58 2.99
N LEU A 259 6.48 -21.78 3.53
CA LEU A 259 7.07 -22.88 2.76
C LEU A 259 6.03 -23.95 2.37
N ASP A 260 6.31 -24.68 1.31
CA ASP A 260 5.53 -25.86 0.93
C ASP A 260 5.95 -27.09 1.77
N ASP A 261 5.35 -28.24 1.52
CA ASP A 261 5.74 -29.45 2.28
C ASP A 261 7.23 -29.70 2.22
N ARG A 262 7.82 -29.57 1.04
CA ARG A 262 9.25 -29.82 0.85
C ARG A 262 10.17 -28.71 1.43
N GLY A 263 9.58 -27.73 2.10
CA GLY A 263 10.34 -26.67 2.76
C GLY A 263 10.81 -25.53 1.86
N VAL A 264 10.31 -25.51 0.63
CA VAL A 264 10.67 -24.48 -0.34
C VAL A 264 9.68 -23.30 -0.25
N ILE A 265 10.21 -22.08 -0.25
CA ILE A 265 9.32 -20.91 -0.27
C ILE A 265 8.39 -20.96 -1.49
N LEU A 266 7.10 -20.69 -1.28
CA LEU A 266 6.19 -20.56 -2.41
C LEU A 266 6.65 -19.40 -3.27
N GLU A 267 6.43 -19.53 -4.57
CA GLU A 267 6.87 -18.49 -5.49
C GLU A 267 6.19 -17.14 -5.22
N VAL A 268 4.91 -17.16 -4.86
CA VAL A 268 4.19 -15.91 -4.56
C VAL A 268 4.90 -15.16 -3.39
N HIS A 269 5.41 -15.91 -2.42
CA HIS A 269 6.09 -15.29 -1.29
C HIS A 269 7.47 -14.84 -1.70
N ALA A 270 8.12 -15.61 -2.57
CA ALA A 270 9.39 -15.20 -3.15
C ALA A 270 9.26 -13.87 -3.92
N TRP A 271 8.14 -13.73 -4.63
CA TRP A 271 7.83 -12.46 -5.32
C TRP A 271 7.72 -11.30 -4.35
N ALA A 272 7.09 -11.51 -3.20
CA ALA A 272 7.01 -10.45 -2.17
C ALA A 272 8.38 -9.97 -1.69
N LEU A 273 9.29 -10.91 -1.51
CA LEU A 273 10.66 -10.64 -1.07
C LEU A 273 11.43 -9.94 -2.16
N ASP A 274 11.18 -10.33 -3.41
CA ASP A 274 11.72 -9.62 -4.58
C ASP A 274 11.27 -8.17 -4.59
N ALA A 275 9.98 -7.95 -4.35
CA ALA A 275 9.43 -6.60 -4.30
C ALA A 275 10.12 -5.82 -3.19
N LEU A 276 10.26 -6.43 -2.02
CA LEU A 276 10.85 -5.73 -0.87
C LEU A 276 12.27 -5.29 -1.19
N MET A 277 13.03 -6.22 -1.75
CA MET A 277 14.37 -5.96 -2.22
C MET A 277 14.44 -4.79 -3.22
N LEU A 278 13.62 -4.78 -4.26
CA LEU A 278 13.65 -3.71 -5.25
C LEU A 278 13.25 -2.33 -4.68
N LYS A 279 12.36 -2.35 -3.69
CA LYS A 279 11.82 -1.10 -3.16
C LYS A 279 12.85 -0.36 -2.32
N LEU A 280 13.80 -1.11 -1.80
CA LEU A 280 14.80 -0.62 -0.87
C LEU A 280 16.09 -0.23 -1.60
N ARG A 281 16.17 -0.60 -2.86
CA ARG A 281 17.36 -0.41 -3.69
C ARG A 281 17.81 1.04 -3.77
N ASN A 282 16.86 1.95 -3.96
CA ASN A 282 17.20 3.37 -4.09
C ASN A 282 17.42 4.11 -2.79
N LEU A 283 17.61 3.36 -1.70
CA LEU A 283 17.88 4.00 -0.43
C LEU A 283 19.37 3.93 -0.11
N ASN A 284 20.01 5.07 -0.18
CA ASN A 284 21.42 5.20 0.17
C ASN A 284 21.45 5.30 1.70
N VAL A 285 22.00 4.28 2.35
CA VAL A 285 21.85 4.11 3.80
C VAL A 285 23.02 4.61 4.63
N PHE A 286 22.71 5.26 5.76
CA PHE A 286 23.70 5.74 6.69
C PHE A 286 23.15 5.53 8.06
N SER A 287 24.03 5.58 9.06
CA SER A 287 23.58 5.57 10.42
C SER A 287 24.19 6.75 11.17
N ALA A 288 23.47 7.23 12.18
CA ALA A 288 23.95 8.40 12.91
C ALA A 288 23.72 8.25 14.41
N ASP A 289 24.79 8.33 15.18
CA ASP A 289 24.67 8.32 16.64
C ASP A 289 24.15 9.67 17.16
N LEU A 290 23.19 9.59 18.08
CA LEU A 290 22.54 10.77 18.61
C LEU A 290 22.82 11.03 20.10
N SER A 291 24.00 10.66 20.55
CA SER A 291 24.35 10.85 21.96
C SER A 291 24.63 12.31 22.32
N GLY A 292 25.02 13.13 21.35
CA GLY A 292 25.32 14.55 21.61
C GLY A 292 24.10 15.40 21.91
N THR A 293 24.28 16.73 21.98
CA THR A 293 23.17 17.69 22.09
C THR A 293 22.41 17.74 20.74
N PRO A 294 21.18 18.25 20.70
CA PRO A 294 20.44 18.44 19.44
C PRO A 294 21.28 19.18 18.37
N ARG A 295 21.98 20.24 18.78
CA ARG A 295 22.86 20.95 17.83
C ARG A 295 23.92 19.99 17.25
N GLN A 296 24.56 19.23 18.13
CA GLN A 296 25.57 18.26 17.72
C GLN A 296 24.98 17.16 16.80
N CYS A 297 23.78 16.69 17.13
CA CYS A 297 23.11 15.63 16.37
C CYS A 297 22.83 16.10 14.97
N ALA A 298 22.30 17.31 14.86
CA ALA A 298 22.06 17.90 13.56
C ALA A 298 23.37 17.99 12.73
N ALA A 299 24.47 18.33 13.40
CA ALA A 299 25.75 18.49 12.69
C ALA A 299 26.27 17.14 12.22
N VAL A 300 26.05 16.09 13.03
CA VAL A 300 26.48 14.72 12.69
C VAL A 300 25.77 14.29 11.42
N VAL A 301 24.45 14.49 11.37
CA VAL A 301 23.68 14.15 10.18
C VAL A 301 24.09 15.01 8.99
N GLU A 302 24.19 16.32 9.20
CA GLU A 302 24.54 17.23 8.11
C GLU A 302 25.91 16.89 7.50
N SER A 303 26.81 16.41 8.33
CA SER A 303 28.17 16.10 7.86
C SER A 303 28.19 14.88 6.91
N LEU A 304 27.05 14.19 6.78
CA LEU A 304 26.91 13.11 5.80
C LEU A 304 26.64 13.55 4.36
N LEU A 305 26.30 14.82 4.15
CA LEU A 305 25.78 15.28 2.87
C LEU A 305 26.70 14.99 1.67
N PRO A 306 28.03 15.12 1.85
CA PRO A 306 28.97 14.84 0.75
C PRO A 306 28.92 13.40 0.24
N LEU A 307 28.37 12.46 1.03
CA LEU A 307 28.26 11.07 0.60
C LEU A 307 26.87 10.73 0.08
N MET A 308 25.94 11.67 0.27
CA MET A 308 24.56 11.46 -0.10
C MET A 308 24.24 11.70 -1.57
N SER A 309 23.20 11.04 -2.02
CA SER A 309 22.65 11.22 -3.34
C SER A 309 21.92 12.56 -3.41
N SER A 310 22.04 13.26 -4.53
CA SER A 310 21.21 14.43 -4.79
C SER A 310 20.51 14.20 -6.10
N THR A 311 19.38 14.87 -6.29
CA THR A 311 18.65 14.87 -7.55
C THR A 311 18.57 16.30 -8.07
N LEU A 312 18.20 16.43 -9.34
CA LEU A 312 18.05 17.71 -10.00
C LEU A 312 16.57 17.96 -10.18
N SER A 313 16.10 18.94 -9.44
CA SER A 313 14.74 19.38 -9.56
C SER A 313 14.73 20.77 -10.18
N ASP A 314 13.63 21.49 -10.06
CA ASP A 314 13.60 22.86 -10.57
C ASP A 314 12.90 23.76 -9.56
N PHE A 315 12.89 25.05 -9.84
CA PHE A 315 12.38 26.03 -8.90
C PHE A 315 10.89 25.86 -8.60
N ASP A 316 10.10 25.52 -9.61
CA ASP A 316 8.68 25.33 -9.38
C ASP A 316 8.41 24.13 -8.46
N SER A 317 9.11 23.02 -8.69
CA SER A 317 8.98 21.81 -7.84
C SER A 317 9.52 22.02 -6.42
N ALA A 318 10.67 22.69 -6.30
CA ALA A 318 11.22 23.05 -4.99
C ALA A 318 10.25 23.96 -4.21
N SER A 319 9.64 24.92 -4.91
CA SER A 319 8.60 25.76 -4.34
C SER A 319 7.41 24.94 -3.86
N ALA A 320 7.00 23.96 -4.66
CA ALA A 320 5.90 23.06 -4.27
C ALA A 320 6.26 22.25 -3.02
N LEU A 321 7.53 21.87 -2.90
CA LEU A 321 8.02 21.16 -1.71
C LEU A 321 8.00 22.02 -0.44
N GLU A 322 8.40 23.29 -0.58
CA GLU A 322 8.33 24.29 0.51
C GLU A 322 6.86 24.45 0.96
N ARG A 323 5.95 24.59 0.00
CA ARG A 323 4.51 24.68 0.31
C ARG A 323 4.04 23.40 1.00
N ALA A 324 4.53 22.25 0.53
CA ALA A 324 4.20 20.95 1.12
C ALA A 324 4.64 20.86 2.57
N ALA A 325 5.87 21.26 2.84
CA ALA A 325 6.38 21.25 4.21
C ALA A 325 5.57 22.16 5.11
N ARG A 326 5.25 23.36 4.64
CA ARG A 326 4.48 24.31 5.47
C ARG A 326 3.12 23.76 5.80
N THR A 327 2.48 23.18 4.79
CA THR A 327 1.15 22.54 4.91
C THR A 327 1.15 21.34 5.83
N PHE A 328 2.15 20.45 5.66
CA PHE A 328 2.24 19.27 6.50
C PHE A 328 2.59 19.65 7.94
N ASN A 329 3.49 20.62 8.15
CA ASN A 329 3.78 21.07 9.50
C ASN A 329 2.51 21.63 10.19
N ALA A 330 1.77 22.46 9.46
CA ALA A 330 0.55 23.10 9.99
C ALA A 330 -0.55 22.09 10.26
N GLU A 331 -0.89 21.27 9.27
CA GLU A 331 -1.98 20.31 9.42
C GLU A 331 -1.68 19.16 10.38
N MET A 332 -0.42 18.75 10.50
CA MET A 332 -0.05 17.61 11.36
C MET A 332 0.23 17.97 12.83
N GLY A 333 0.28 19.26 13.11
CA GLY A 333 0.50 19.78 14.45
C GLY A 333 -0.47 19.31 15.52
N VAL A 334 0.08 19.14 16.72
CA VAL A 334 -0.62 18.80 17.98
C VAL A 334 -1.87 17.93 17.81
N HIS B 3 13.11 -6.99 -32.37
CA HIS B 3 12.29 -8.15 -31.90
C HIS B 3 11.49 -7.78 -30.65
N MET B 4 10.45 -6.98 -30.87
CA MET B 4 9.56 -6.56 -29.80
C MET B 4 8.37 -7.52 -29.74
N VAL B 5 7.79 -7.67 -28.55
CA VAL B 5 6.53 -8.39 -28.42
C VAL B 5 5.44 -7.37 -28.08
N THR B 6 4.36 -7.37 -28.86
CA THR B 6 3.20 -6.52 -28.62
C THR B 6 2.28 -7.20 -27.62
N ILE B 7 2.03 -6.51 -26.50
CA ILE B 7 1.19 -7.04 -25.41
C ILE B 7 -0.04 -6.15 -25.21
N VAL B 8 -1.20 -6.79 -25.10
CA VAL B 8 -2.40 -6.12 -24.60
C VAL B 8 -2.74 -6.77 -23.30
N ARG B 9 -2.80 -5.98 -22.23
CA ARG B 9 -3.25 -6.49 -20.95
C ARG B 9 -4.62 -5.96 -20.58
N ILE B 10 -5.46 -6.86 -20.08
CA ILE B 10 -6.82 -6.53 -19.72
C ILE B 10 -7.01 -6.89 -18.27
N TYR B 11 -7.58 -5.98 -17.51
CA TYR B 11 -8.04 -6.32 -16.18
C TYR B 11 -9.55 -6.42 -16.27
N LEU B 12 -10.06 -7.65 -16.13
CA LEU B 12 -11.50 -7.87 -16.06
C LEU B 12 -11.95 -7.62 -14.63
N ASP B 13 -12.87 -6.68 -14.43
CA ASP B 13 -13.24 -6.38 -13.06
C ASP B 13 -14.75 -6.14 -12.97
N GLY B 14 -15.26 -6.06 -11.76
CA GLY B 14 -16.68 -5.79 -11.57
C GLY B 14 -17.21 -6.56 -10.38
N VAL B 15 -18.51 -6.45 -10.12
CA VAL B 15 -19.09 -7.13 -8.96
C VAL B 15 -18.92 -8.64 -9.09
N TYR B 16 -18.75 -9.33 -7.96
CA TYR B 16 -18.63 -10.78 -7.96
C TYR B 16 -19.99 -11.42 -8.35
N GLY B 17 -19.93 -12.62 -8.91
CA GLY B 17 -21.13 -13.32 -9.35
C GLY B 17 -21.64 -13.03 -10.76
N ILE B 18 -20.96 -12.16 -11.50
CA ILE B 18 -21.43 -11.73 -12.82
C ILE B 18 -20.95 -12.64 -13.97
N GLY B 19 -19.92 -13.45 -13.71
CA GLY B 19 -19.41 -14.37 -14.72
C GLY B 19 -18.06 -13.94 -15.28
N LYS B 20 -17.37 -13.05 -14.57
CA LYS B 20 -16.07 -12.55 -15.03
C LYS B 20 -14.98 -13.63 -15.15
N SER B 21 -14.86 -14.52 -14.16
CA SER B 21 -13.78 -15.52 -14.17
C SER B 21 -13.99 -16.56 -15.28
N THR B 22 -15.24 -17.00 -15.46
CA THR B 22 -15.62 -17.91 -16.53
C THR B 22 -15.26 -17.29 -17.89
N THR B 23 -15.60 -16.01 -18.08
CA THR B 23 -15.23 -15.28 -19.31
C THR B 23 -13.71 -15.28 -19.58
N GLY B 24 -12.94 -14.94 -18.53
CA GLY B 24 -11.49 -14.95 -18.57
C GLY B 24 -10.88 -16.31 -18.91
N ARG B 25 -11.38 -17.38 -18.32
CA ARG B 25 -10.90 -18.72 -18.61
C ARG B 25 -11.17 -19.07 -20.08
N VAL B 26 -12.38 -18.81 -20.55
CA VAL B 26 -12.74 -19.02 -21.95
C VAL B 26 -11.77 -18.28 -22.89
N MET B 27 -11.54 -16.99 -22.64
CA MET B 27 -10.61 -16.19 -23.46
C MET B 27 -9.21 -16.79 -23.57
N ALA B 28 -8.70 -17.32 -22.47
CA ALA B 28 -7.38 -17.94 -22.43
C ALA B 28 -7.39 -19.40 -22.92
N SER B 29 -8.57 -19.99 -23.10
CA SER B 29 -8.63 -21.38 -23.50
C SER B 29 -8.25 -21.52 -24.97
N ALA B 30 -7.36 -22.48 -25.24
CA ALA B 30 -6.90 -22.79 -26.59
C ALA B 30 -8.10 -23.13 -27.49
N ALA B 31 -9.13 -23.71 -26.88
CA ALA B 31 -10.40 -24.01 -27.54
C ALA B 31 -11.09 -22.78 -28.16
N SER B 32 -10.80 -21.59 -27.63
CA SER B 32 -11.31 -20.34 -28.19
C SER B 32 -10.41 -19.75 -29.29
N GLY B 33 -9.32 -20.46 -29.60
CA GLY B 33 -8.40 -20.06 -30.65
C GLY B 33 -7.78 -18.69 -30.42
N GLY B 34 -7.80 -17.86 -31.48
CA GLY B 34 -7.18 -16.54 -31.46
C GLY B 34 -5.66 -16.57 -31.38
N SER B 35 -5.08 -15.45 -30.96
CA SER B 35 -3.65 -15.34 -30.65
C SER B 35 -3.40 -15.69 -29.17
N PRO B 36 -2.14 -15.98 -28.79
CA PRO B 36 -1.81 -16.44 -27.43
C PRO B 36 -2.32 -15.55 -26.28
N THR B 37 -3.13 -16.14 -25.40
CA THR B 37 -3.79 -15.41 -24.31
C THR B 37 -3.51 -16.11 -22.97
N LEU B 38 -3.15 -15.33 -21.95
CA LEU B 38 -2.92 -15.85 -20.61
C LEU B 38 -3.93 -15.29 -19.63
N TYR B 39 -4.29 -16.08 -18.62
CA TYR B 39 -5.25 -15.67 -17.63
C TYR B 39 -4.67 -15.83 -16.22
N PHE B 40 -4.78 -14.77 -15.42
CA PHE B 40 -4.36 -14.79 -14.01
C PHE B 40 -5.62 -14.77 -13.18
N PRO B 41 -5.89 -15.85 -12.45
CA PRO B 41 -7.15 -16.01 -11.70
C PRO B 41 -7.23 -15.10 -10.48
N GLU B 42 -8.41 -14.98 -9.84
CA GLU B 42 -8.47 -14.44 -8.48
C GLU B 42 -7.55 -15.27 -7.59
N PRO B 43 -6.83 -14.64 -6.68
CA PRO B 43 -5.85 -15.35 -5.83
C PRO B 43 -6.53 -16.12 -4.68
N MET B 44 -7.45 -17.02 -5.03
CA MET B 44 -8.28 -17.69 -4.06
C MET B 44 -7.51 -18.41 -2.95
N ALA B 45 -6.45 -19.15 -3.29
CA ALA B 45 -5.71 -19.92 -2.27
C ALA B 45 -5.06 -19.00 -1.25
N TYR B 46 -4.67 -17.80 -1.70
CA TYR B 46 -3.98 -16.84 -0.84
C TYR B 46 -4.99 -16.34 0.18
N TRP B 47 -6.21 -16.09 -0.29
CA TRP B 47 -7.29 -15.58 0.52
C TRP B 47 -7.82 -16.63 1.51
N ARG B 48 -7.85 -17.88 1.07
CA ARG B 48 -8.62 -18.93 1.74
C ARG B 48 -7.79 -19.99 2.49
N THR B 49 -6.73 -20.49 1.87
CA THR B 49 -6.04 -21.67 2.40
C THR B 49 -4.56 -21.51 2.77
N LEU B 50 -3.85 -20.55 2.16
CA LEU B 50 -2.41 -20.43 2.41
C LEU B 50 -2.08 -20.03 3.86
N PHE B 51 -2.97 -19.28 4.50
CA PHE B 51 -2.76 -18.87 5.89
C PHE B 51 -3.82 -19.49 6.81
N GLU B 52 -3.67 -19.32 8.12
CA GLU B 52 -4.58 -19.95 9.07
C GLU B 52 -6.00 -19.43 8.96
N THR B 53 -6.13 -18.14 8.63
CA THR B 53 -7.44 -17.51 8.42
C THR B 53 -7.86 -17.44 6.95
N ASP B 54 -9.16 -17.67 6.71
CA ASP B 54 -9.80 -17.48 5.43
C ASP B 54 -10.47 -16.09 5.49
N VAL B 55 -10.03 -15.18 4.64
CA VAL B 55 -10.55 -13.81 4.68
C VAL B 55 -11.99 -13.67 4.16
N ILE B 56 -12.38 -14.51 3.21
CA ILE B 56 -13.75 -14.42 2.69
C ILE B 56 -14.76 -14.81 3.78
N SER B 57 -14.57 -15.94 4.46
CA SER B 57 -15.47 -16.27 5.57
C SER B 57 -15.31 -15.30 6.75
N GLY B 58 -14.08 -14.84 6.96
CA GLY B 58 -13.77 -13.96 8.10
C GLY B 58 -14.45 -12.62 8.01
N ILE B 59 -14.50 -12.05 6.81
CA ILE B 59 -15.16 -10.76 6.65
C ILE B 59 -16.68 -10.91 6.83
N TYR B 60 -17.24 -12.00 6.31
CA TYR B 60 -18.66 -12.32 6.53
C TYR B 60 -18.98 -12.61 8.02
N ASP B 61 -18.34 -13.64 8.60
CA ASP B 61 -18.38 -13.93 10.05
C ASP B 61 -18.31 -12.68 10.96
N THR B 62 -17.48 -11.70 10.58
CA THR B 62 -17.37 -10.46 11.36
C THR B 62 -18.68 -9.68 11.42
N GLN B 63 -19.34 -9.56 10.26
CA GLN B 63 -20.63 -8.89 10.18
C GLN B 63 -21.69 -9.67 10.98
N ASN B 64 -21.56 -10.99 11.00
CA ASN B 64 -22.47 -11.86 11.74
C ASN B 64 -22.36 -11.71 13.26
N ARG B 65 -21.12 -11.64 13.75
CA ARG B 65 -20.84 -11.40 15.16
C ARG B 65 -21.29 -10.01 15.60
N LYS B 66 -21.13 -9.03 14.71
CA LYS B 66 -21.59 -7.66 14.94
C LYS B 66 -23.11 -7.67 15.08
N GLN B 67 -23.77 -8.28 14.09
CA GLN B 67 -25.23 -8.33 14.00
C GLN B 67 -25.86 -9.29 15.03
N GLN B 68 -25.12 -9.54 16.11
CA GLN B 68 -25.52 -10.46 17.16
C GLN B 68 -24.83 -10.09 18.48
N GLY B 69 -24.63 -11.09 19.33
CA GLY B 69 -23.90 -10.93 20.57
C GLY B 69 -22.41 -10.64 20.37
N ASN B 70 -21.66 -11.70 20.06
CA ASN B 70 -20.19 -11.75 20.07
C ASN B 70 -19.33 -10.45 20.07
N LEU B 71 -19.61 -9.51 19.16
CA LEU B 71 -18.63 -8.46 18.86
C LEU B 71 -19.18 -7.03 18.75
N ALA B 72 -18.51 -6.09 19.40
CA ALA B 72 -18.93 -4.69 19.40
C ALA B 72 -18.71 -3.99 18.05
N VAL B 73 -19.62 -3.07 17.71
CA VAL B 73 -19.59 -2.43 16.39
C VAL B 73 -18.29 -1.66 16.09
N ASP B 74 -17.68 -1.04 17.11
CA ASP B 74 -16.40 -0.37 16.92
C ASP B 74 -15.29 -1.36 16.54
N ASP B 75 -15.19 -2.47 17.29
CA ASP B 75 -14.24 -3.55 17.02
C ASP B 75 -14.46 -4.20 15.65
N ALA B 76 -15.72 -4.44 15.27
CA ALA B 76 -16.06 -5.09 13.99
C ALA B 76 -15.62 -4.25 12.81
N ALA B 77 -15.74 -2.94 12.94
CA ALA B 77 -15.34 -1.99 11.92
C ALA B 77 -13.82 -2.01 11.67
N LEU B 78 -13.04 -2.16 12.74
CA LEU B 78 -11.56 -2.29 12.64
C LEU B 78 -11.15 -3.63 12.07
N ILE B 79 -11.80 -4.70 12.53
CA ILE B 79 -11.52 -6.05 12.06
C ILE B 79 -11.94 -6.25 10.59
N THR B 80 -13.05 -5.63 10.20
CA THR B 80 -13.53 -5.67 8.82
C THR B 80 -12.51 -4.98 7.92
N ALA B 81 -11.97 -3.85 8.39
CA ALA B 81 -10.97 -3.11 7.64
C ALA B 81 -9.72 -3.97 7.51
N HIS B 82 -9.35 -4.69 8.57
CA HIS B 82 -8.20 -5.56 8.47
C HIS B 82 -8.37 -6.67 7.44
N TYR B 83 -9.54 -7.35 7.45
CA TYR B 83 -9.80 -8.37 6.44
C TYR B 83 -9.75 -7.80 5.01
N GLN B 84 -10.30 -6.60 4.84
CA GLN B 84 -10.29 -5.94 3.54
C GLN B 84 -8.83 -5.67 3.08
N SER B 85 -7.97 -5.26 4.00
CA SER B 85 -6.53 -5.13 3.71
C SER B 85 -5.94 -6.43 3.20
N ARG B 86 -6.32 -7.53 3.83
CA ARG B 86 -5.81 -8.83 3.44
C ARG B 86 -6.23 -9.26 2.06
N PHE B 87 -7.37 -8.75 1.57
CA PHE B 87 -7.74 -9.05 0.18
C PHE B 87 -6.72 -8.43 -0.81
N THR B 88 -6.16 -7.28 -0.45
CA THR B 88 -5.29 -6.54 -1.40
C THR B 88 -3.94 -7.21 -1.58
N THR B 89 -3.47 -7.94 -0.58
CA THR B 89 -2.08 -8.41 -0.57
C THR B 89 -1.63 -9.17 -1.80
N PRO B 90 -2.32 -10.25 -2.18
CA PRO B 90 -1.90 -10.97 -3.39
C PRO B 90 -1.96 -10.14 -4.68
N TYR B 91 -2.86 -9.16 -4.74
CA TYR B 91 -2.93 -8.25 -5.89
C TYR B 91 -1.71 -7.32 -5.99
N LEU B 92 -1.28 -6.80 -4.83
CA LEU B 92 -0.15 -5.89 -4.73
C LEU B 92 1.10 -6.66 -5.11
N ILE B 93 1.19 -7.90 -4.66
CA ILE B 93 2.35 -8.75 -4.96
C ILE B 93 2.38 -9.07 -6.45
N LEU B 94 1.23 -9.44 -7.02
CA LEU B 94 1.19 -9.74 -8.44
C LEU B 94 1.51 -8.51 -9.28
N HIS B 95 0.95 -7.37 -8.89
CA HIS B 95 1.20 -6.10 -9.60
C HIS B 95 2.69 -5.70 -9.51
N ASP B 96 3.29 -5.81 -8.32
CA ASP B 96 4.73 -5.55 -8.18
C ASP B 96 5.56 -6.50 -9.09
N HIS B 97 5.14 -7.76 -9.20
CA HIS B 97 5.91 -8.71 -9.99
C HIS B 97 5.79 -8.42 -11.51
N THR B 98 4.59 -8.06 -11.97
CA THR B 98 4.37 -7.92 -13.41
C THR B 98 4.60 -6.53 -14.00
N CYS B 99 4.55 -5.49 -13.17
CA CYS B 99 4.57 -4.10 -13.65
C CYS B 99 5.75 -3.65 -14.53
N THR B 100 6.92 -4.22 -14.34
CA THR B 100 8.08 -3.83 -15.16
C THR B 100 8.21 -4.67 -16.42
N LEU B 101 7.41 -5.74 -16.50
CA LEU B 101 7.47 -6.68 -17.62
C LEU B 101 6.68 -6.26 -18.88
N PHE B 102 5.76 -5.31 -18.73
CA PHE B 102 4.83 -4.98 -19.84
C PHE B 102 5.48 -4.21 -20.97
N GLY B 103 6.50 -3.42 -20.67
CA GLY B 103 7.13 -2.59 -21.66
C GLY B 103 6.45 -1.24 -21.78
N GLY B 104 7.01 -0.38 -22.63
CA GLY B 104 6.53 0.97 -22.83
C GLY B 104 5.87 1.11 -24.18
N ASN B 105 5.88 2.33 -24.72
CA ASN B 105 5.32 2.61 -26.05
C ASN B 105 3.82 2.29 -26.10
N SER B 106 3.11 2.64 -25.04
CA SER B 106 1.66 2.42 -25.04
C SER B 106 0.98 3.20 -26.17
N LEU B 107 0.19 2.49 -26.97
CA LEU B 107 -0.45 3.04 -28.16
C LEU B 107 -1.66 2.21 -28.49
N GLN B 108 -2.71 2.85 -29.00
CA GLN B 108 -3.82 2.14 -29.60
C GLN B 108 -3.48 1.85 -31.06
N ARG B 109 -3.00 0.64 -31.30
CA ARG B 109 -2.44 0.26 -32.60
C ARG B 109 -3.51 -0.35 -33.50
N GLY B 110 -4.63 -0.73 -32.90
CA GLY B 110 -5.72 -1.34 -33.63
C GLY B 110 -5.45 -2.73 -34.18
N THR B 111 -4.39 -3.39 -33.70
CA THR B 111 -3.98 -4.69 -34.25
C THR B 111 -4.23 -5.82 -33.28
N GLN B 112 -4.11 -7.05 -33.77
CA GLN B 112 -3.99 -8.20 -32.89
C GLN B 112 -2.62 -8.19 -32.21
N PRO B 113 -2.60 -8.28 -30.87
CA PRO B 113 -1.32 -8.35 -30.15
C PRO B 113 -0.67 -9.73 -30.33
N ASP B 114 0.63 -9.81 -30.13
CA ASP B 114 1.35 -11.07 -30.07
C ASP B 114 0.91 -11.84 -28.83
N LEU B 115 0.61 -11.11 -27.75
CA LEU B 115 0.27 -11.72 -26.46
C LEU B 115 -0.80 -10.89 -25.76
N THR B 116 -1.88 -11.56 -25.33
CA THR B 116 -2.96 -10.97 -24.54
C THR B 116 -2.90 -11.49 -23.09
N LEU B 117 -2.95 -10.57 -22.15
CA LEU B 117 -2.98 -10.93 -20.75
C LEU B 117 -4.35 -10.59 -20.20
N VAL B 118 -4.97 -11.53 -19.51
CA VAL B 118 -6.24 -11.25 -18.84
C VAL B 118 -6.05 -11.43 -17.34
N PHE B 119 -6.17 -10.33 -16.60
CA PHE B 119 -6.02 -10.36 -15.15
C PHE B 119 -7.41 -10.32 -14.59
N ASP B 120 -7.68 -11.26 -13.68
CA ASP B 120 -8.97 -11.27 -13.03
C ASP B 120 -8.92 -10.26 -11.86
N ARG B 121 -9.53 -9.09 -12.10
CA ARG B 121 -9.51 -7.92 -11.22
C ARG B 121 -8.19 -7.14 -11.28
N HIS B 122 -8.32 -5.81 -11.19
CA HIS B 122 -7.20 -4.90 -11.04
C HIS B 122 -7.06 -4.67 -9.52
N PRO B 123 -5.87 -4.30 -9.02
CA PRO B 123 -5.75 -3.89 -7.62
C PRO B 123 -6.81 -2.85 -7.15
N VAL B 124 -7.36 -2.03 -8.02
CA VAL B 124 -8.42 -1.07 -7.63
C VAL B 124 -9.64 -1.70 -6.94
N ALA B 125 -9.92 -2.95 -7.27
CA ALA B 125 -11.08 -3.67 -6.74
C ALA B 125 -10.95 -3.80 -5.22
N SER B 126 -9.83 -4.36 -4.76
CA SER B 126 -9.60 -4.57 -3.33
C SER B 126 -9.13 -3.32 -2.55
N THR B 127 -8.44 -2.36 -3.22
CA THR B 127 -7.94 -1.17 -2.53
C THR B 127 -8.95 -0.03 -2.51
N VAL B 128 -9.92 -0.03 -3.44
CA VAL B 128 -10.85 1.09 -3.58
C VAL B 128 -12.33 0.65 -3.60
N CYS B 129 -12.68 -0.20 -4.55
CA CYS B 129 -14.09 -0.50 -4.82
C CYS B 129 -14.77 -1.23 -3.67
N PHE B 130 -14.21 -2.36 -3.26
CA PHE B 130 -14.76 -3.09 -2.13
C PHE B 130 -14.68 -2.31 -0.82
N PRO B 131 -13.52 -1.70 -0.49
CA PRO B 131 -13.47 -0.77 0.64
C PRO B 131 -14.55 0.30 0.57
N ALA B 132 -14.73 0.97 -0.58
CA ALA B 132 -15.73 2.04 -0.71
C ALA B 132 -17.16 1.54 -0.42
N ALA B 133 -17.48 0.36 -0.91
CA ALA B 133 -18.77 -0.32 -0.63
C ALA B 133 -18.93 -0.54 0.87
N ARG B 134 -17.89 -1.08 1.51
CA ARG B 134 -17.92 -1.29 2.96
C ARG B 134 -18.11 -0.01 3.74
N TYR B 135 -17.48 1.08 3.30
CA TYR B 135 -17.65 2.41 3.92
C TYR B 135 -19.08 2.92 3.73
N LEU B 136 -19.57 2.88 2.49
CA LEU B 136 -20.92 3.36 2.18
C LEU B 136 -22.02 2.63 2.97
N LEU B 137 -21.84 1.32 3.19
CA LEU B 137 -22.73 0.49 3.98
C LEU B 137 -22.61 0.65 5.51
N GLY B 138 -21.68 1.49 5.96
CA GLY B 138 -21.40 1.65 7.37
C GLY B 138 -20.67 0.51 8.06
N ASP B 139 -19.98 -0.36 7.30
CA ASP B 139 -19.19 -1.44 7.89
C ASP B 139 -17.72 -1.02 8.19
N MET B 140 -17.32 0.16 7.71
CA MET B 140 -15.95 0.66 7.83
C MET B 140 -15.99 2.17 7.87
N SER B 141 -15.03 2.78 8.53
CA SER B 141 -14.97 4.24 8.55
C SER B 141 -14.21 4.81 7.35
N MET B 142 -14.37 6.11 7.14
CA MET B 142 -13.60 6.87 6.16
C MET B 142 -12.08 6.78 6.43
N CYS B 143 -11.68 6.75 7.70
CA CYS B 143 -10.26 6.54 8.05
C CYS B 143 -9.73 5.22 7.46
N ALA B 144 -10.50 4.16 7.67
CA ALA B 144 -10.20 2.83 7.15
C ALA B 144 -10.19 2.79 5.61
N LEU B 145 -11.07 3.57 5.00
CA LEU B 145 -11.17 3.63 3.54
C LEU B 145 -9.94 4.31 2.96
N MET B 146 -9.59 5.45 3.54
CA MET B 146 -8.37 6.18 3.20
C MET B 146 -7.13 5.31 3.31
N ALA B 147 -7.09 4.44 4.31
CA ALA B 147 -5.94 3.55 4.47
C ALA B 147 -5.82 2.56 3.31
N MET B 148 -6.95 2.02 2.86
CA MET B 148 -6.94 1.10 1.71
C MET B 148 -6.63 1.86 0.41
N VAL B 149 -7.26 3.02 0.25
CA VAL B 149 -7.13 3.79 -1.00
C VAL B 149 -5.67 4.23 -1.25
N ALA B 150 -4.97 4.63 -0.18
CA ALA B 150 -3.58 5.06 -0.28
C ALA B 150 -2.65 3.94 -0.76
N THR B 151 -3.06 2.67 -0.61
CA THR B 151 -2.27 1.53 -1.09
C THR B 151 -2.50 1.13 -2.55
N LEU B 152 -3.42 1.81 -3.22
CA LEU B 152 -3.56 1.58 -4.66
C LEU B 152 -2.17 1.85 -5.29
N PRO B 153 -1.65 0.91 -6.10
CA PRO B 153 -0.43 1.16 -6.89
C PRO B 153 -0.70 1.98 -8.16
N ARG B 154 0.26 2.77 -8.61
CA ARG B 154 0.18 3.45 -9.91
C ARG B 154 0.18 2.47 -11.07
N GLU B 155 -0.82 2.56 -11.94
CA GLU B 155 -0.81 1.78 -13.17
C GLU B 155 0.17 2.42 -14.18
N PRO B 156 1.16 1.66 -14.65
CA PRO B 156 2.05 2.19 -15.68
C PRO B 156 1.31 2.23 -17.01
N GLN B 157 1.89 2.89 -18.01
CA GLN B 157 1.25 3.08 -19.32
C GLN B 157 0.75 1.76 -19.90
N GLY B 158 -0.36 1.81 -20.62
CA GLY B 158 -0.84 0.66 -21.37
C GLY B 158 -1.96 -0.15 -20.73
N GLY B 159 -2.44 0.23 -19.55
CA GLY B 159 -3.44 -0.58 -18.87
C GLY B 159 -4.79 -0.50 -19.58
N ASN B 160 -5.54 -1.61 -19.64
CA ASN B 160 -6.95 -1.54 -20.03
C ASN B 160 -7.78 -2.20 -18.98
N ILE B 161 -8.87 -1.55 -18.58
CA ILE B 161 -9.78 -2.18 -17.62
C ILE B 161 -11.13 -2.40 -18.30
N VAL B 162 -11.66 -3.62 -18.19
CA VAL B 162 -13.00 -3.92 -18.68
C VAL B 162 -13.91 -4.20 -17.49
N VAL B 163 -14.80 -3.25 -17.20
CA VAL B 163 -15.75 -3.45 -16.10
C VAL B 163 -17.00 -4.18 -16.63
N THR B 164 -17.23 -5.35 -16.08
CA THR B 164 -18.35 -6.19 -16.51
C THR B 164 -19.68 -5.64 -15.99
N THR B 165 -20.71 -5.74 -16.84
CA THR B 165 -22.06 -5.32 -16.46
C THR B 165 -23.04 -6.47 -16.71
N LEU B 166 -24.20 -6.38 -16.05
CA LEU B 166 -25.22 -7.41 -16.15
C LEU B 166 -26.50 -6.90 -15.48
N ASN B 167 -27.65 -7.10 -16.13
CA ASN B 167 -28.94 -6.77 -15.54
C ASN B 167 -29.15 -7.44 -14.17
N VAL B 168 -29.83 -6.75 -13.25
CA VAL B 168 -29.98 -7.18 -11.87
C VAL B 168 -30.53 -8.62 -11.77
N GLU B 169 -31.49 -8.94 -12.63
CA GLU B 169 -32.20 -10.24 -12.56
C GLU B 169 -31.28 -11.42 -12.87
N GLU B 170 -30.56 -11.34 -13.98
CA GLU B 170 -29.58 -12.34 -14.33
C GLU B 170 -28.45 -12.38 -13.27
N HIS B 171 -28.10 -11.21 -12.71
CA HIS B 171 -27.06 -11.17 -11.68
C HIS B 171 -27.48 -12.02 -10.48
N ILE B 172 -28.71 -11.81 -10.02
CA ILE B 172 -29.24 -12.53 -8.87
C ILE B 172 -29.30 -14.02 -9.16
N ARG B 173 -29.73 -14.37 -10.37
CA ARG B 173 -29.75 -15.76 -10.82
C ARG B 173 -28.37 -16.40 -10.72
N ARG B 174 -27.36 -15.70 -11.23
CA ARG B 174 -25.98 -16.22 -11.22
C ARG B 174 -25.38 -16.33 -9.82
N LEU B 175 -25.67 -15.36 -8.96
CA LEU B 175 -25.21 -15.40 -7.57
C LEU B 175 -25.69 -16.69 -6.87
N ARG B 176 -26.91 -17.11 -7.18
CA ARG B 176 -27.49 -18.38 -6.70
C ARG B 176 -26.74 -19.64 -7.20
N THR B 177 -26.01 -19.53 -8.30
CA THR B 177 -25.27 -20.68 -8.85
C THR B 177 -23.92 -20.91 -8.18
N ARG B 178 -23.44 -19.89 -7.47
CA ARG B 178 -22.09 -19.91 -6.89
C ARG B 178 -21.91 -21.00 -5.83
N ALA B 179 -20.74 -21.64 -5.85
CA ALA B 179 -20.34 -22.61 -4.83
C ALA B 179 -20.38 -21.98 -3.44
N ARG B 180 -20.77 -22.77 -2.45
CA ARG B 180 -20.82 -22.30 -1.05
C ARG B 180 -19.41 -22.26 -0.44
N ILE B 181 -18.95 -21.06 -0.13
CA ILE B 181 -17.60 -20.87 0.44
C ILE B 181 -17.61 -19.96 1.66
N GLY B 182 -18.80 -19.71 2.20
CA GLY B 182 -18.97 -18.89 3.37
C GLY B 182 -18.89 -17.40 3.09
N GLU B 183 -19.19 -17.02 1.85
CA GLU B 183 -19.13 -15.61 1.45
C GLU B 183 -20.42 -14.86 1.78
N GLN B 184 -20.28 -13.58 2.14
CA GLN B 184 -21.41 -12.67 2.25
C GLN B 184 -22.03 -12.48 0.86
N ILE B 185 -23.36 -12.52 0.77
CA ILE B 185 -24.06 -12.55 -0.52
C ILE B 185 -25.37 -11.75 -0.58
N ASP B 186 -25.53 -10.79 0.31
CA ASP B 186 -26.74 -9.98 0.33
C ASP B 186 -26.81 -8.87 -0.74
N ILE B 187 -28.05 -8.50 -1.03
CA ILE B 187 -28.39 -7.71 -2.19
C ILE B 187 -28.10 -6.23 -1.95
N THR B 188 -28.10 -5.81 -0.68
CA THR B 188 -27.72 -4.44 -0.39
C THR B 188 -26.21 -4.23 -0.66
N LEU B 189 -25.40 -5.25 -0.38
CA LEU B 189 -23.96 -5.25 -0.75
C LEU B 189 -23.79 -5.20 -2.27
N ILE B 190 -24.51 -6.09 -2.96
CA ILE B 190 -24.50 -6.15 -4.42
C ILE B 190 -24.85 -4.82 -5.03
N ALA B 191 -25.94 -4.21 -4.55
CA ALA B 191 -26.40 -2.94 -5.08
C ALA B 191 -25.33 -1.87 -4.94
N THR B 192 -24.69 -1.86 -3.78
CA THR B 192 -23.67 -0.88 -3.47
C THR B 192 -22.44 -1.13 -4.37
N LEU B 193 -22.01 -2.37 -4.51
CA LEU B 193 -20.83 -2.69 -5.33
C LEU B 193 -21.07 -2.29 -6.79
N ARG B 194 -22.30 -2.53 -7.27
CA ARG B 194 -22.68 -2.17 -8.63
C ARG B 194 -22.61 -0.66 -8.82
N ASN B 195 -23.04 0.08 -7.79
CA ASN B 195 -22.98 1.52 -7.88
C ASN B 195 -21.51 1.96 -7.91
N VAL B 196 -20.72 1.36 -7.03
CA VAL B 196 -19.29 1.76 -6.86
C VAL B 196 -18.50 1.47 -8.15
N TYR B 197 -18.79 0.35 -8.80
CA TYR B 197 -18.17 0.04 -10.09
C TYR B 197 -18.63 0.96 -11.21
N PHE B 198 -19.87 1.46 -11.14
CA PHE B 198 -20.28 2.52 -12.05
C PHE B 198 -19.51 3.80 -11.72
N MET B 199 -19.35 4.12 -10.43
CA MET B 199 -18.55 5.28 -10.06
C MET B 199 -17.13 5.15 -10.67
N LEU B 200 -16.57 3.97 -10.63
CA LEU B 200 -15.19 3.72 -11.14
C LEU B 200 -15.12 3.99 -12.65
N VAL B 201 -16.00 3.32 -13.42
CA VAL B 201 -16.09 3.58 -14.87
C VAL B 201 -16.24 5.10 -15.13
N ASN B 202 -17.18 5.73 -14.44
CA ASN B 202 -17.43 7.16 -14.59
C ASN B 202 -16.23 7.98 -14.23
N THR B 203 -15.45 7.54 -13.25
CA THR B 203 -14.26 8.28 -12.83
C THR B 203 -13.25 8.29 -13.96
N CYS B 204 -13.06 7.11 -14.54
CA CYS B 204 -12.18 6.97 -15.72
C CYS B 204 -12.64 7.82 -16.93
N HIS B 205 -13.95 7.84 -17.21
CA HIS B 205 -14.50 8.69 -18.26
C HIS B 205 -14.29 10.17 -17.92
N PHE B 206 -14.49 10.50 -16.66
CA PHE B 206 -14.34 11.86 -16.17
C PHE B 206 -12.91 12.34 -16.40
N LEU B 207 -11.96 11.53 -15.99
CA LEU B 207 -10.54 11.87 -16.16
C LEU B 207 -10.12 11.96 -17.64
N ARG B 208 -10.54 11.00 -18.46
CA ARG B 208 -10.23 11.02 -19.89
C ARG B 208 -10.90 12.22 -20.61
N SER B 209 -11.99 12.74 -20.06
CA SER B 209 -12.63 13.95 -20.60
C SER B 209 -11.78 15.23 -20.40
N GLY B 210 -10.66 15.11 -19.67
CA GLY B 210 -9.77 16.22 -19.39
C GLY B 210 -10.09 16.96 -18.09
N ARG B 211 -11.05 16.46 -17.32
CA ARG B 211 -11.40 17.03 -16.01
C ARG B 211 -10.60 16.45 -14.82
N VAL B 212 -10.54 17.19 -13.72
CA VAL B 212 -9.81 16.76 -12.51
C VAL B 212 -10.79 16.91 -11.36
N TRP B 213 -10.53 16.26 -10.23
CA TRP B 213 -11.50 16.22 -9.13
C TRP B 213 -11.94 17.57 -8.57
N ARG B 214 -11.09 18.59 -8.67
CA ARG B 214 -11.49 19.95 -8.26
C ARG B 214 -12.55 20.58 -9.19
N ASP B 215 -12.61 20.11 -10.45
CA ASP B 215 -13.58 20.58 -11.43
C ASP B 215 -14.99 20.23 -10.99
N GLY B 216 -15.67 21.20 -10.40
CA GLY B 216 -17.01 20.98 -9.89
C GLY B 216 -17.03 20.69 -8.41
N TRP B 217 -15.86 20.69 -7.77
CA TRP B 217 -15.75 20.38 -6.34
C TRP B 217 -16.48 21.40 -5.44
N GLY B 218 -16.25 22.69 -5.69
CA GLY B 218 -16.83 23.76 -4.89
C GLY B 218 -18.36 23.72 -4.87
N GLU B 219 -18.93 23.48 -6.04
CA GLU B 219 -20.39 23.44 -6.21
C GLU B 219 -21.01 22.15 -5.68
N LEU B 220 -20.20 21.09 -5.59
CA LEU B 220 -20.68 19.78 -5.16
C LEU B 220 -21.23 19.83 -3.74
N PRO B 221 -22.43 19.29 -3.54
CA PRO B 221 -23.01 19.15 -2.20
C PRO B 221 -22.13 18.29 -1.30
N THR B 222 -22.06 18.64 -0.02
CA THR B 222 -21.37 17.81 0.96
C THR B 222 -22.04 16.42 1.04
N SER B 223 -21.20 15.40 0.87
CA SER B 223 -21.65 14.01 0.76
C SER B 223 -21.73 13.33 2.11
N CYS B 224 -22.75 13.63 2.90
CA CYS B 224 -22.83 13.05 4.23
C CYS B 224 -23.83 11.89 4.32
N GLY B 225 -24.80 11.95 5.23
CA GLY B 225 -25.73 10.84 5.44
C GLY B 225 -26.62 10.48 4.27
N ALA B 226 -27.18 11.50 3.62
CA ALA B 226 -28.03 11.33 2.45
C ALA B 226 -27.25 10.63 1.32
N TYR B 227 -26.09 11.20 0.98
CA TYR B 227 -25.24 10.64 -0.08
C TYR B 227 -25.00 9.16 0.10
N LYS B 228 -24.55 8.77 1.31
CA LYS B 228 -24.30 7.36 1.63
C LYS B 228 -25.52 6.46 1.38
N HIS B 229 -26.72 6.97 1.69
CA HIS B 229 -27.98 6.24 1.49
C HIS B 229 -28.25 6.00 0.01
N ARG B 230 -28.15 7.07 -0.79
CA ARG B 230 -28.32 7.01 -2.24
C ARG B 230 -27.41 5.95 -2.89
N ALA B 231 -26.14 5.94 -2.50
CA ALA B 231 -25.14 5.00 -3.03
C ALA B 231 -25.41 3.51 -2.72
N THR B 232 -26.35 3.23 -1.82
CA THR B 232 -26.71 1.86 -1.46
C THR B 232 -27.98 1.39 -2.19
N GLN B 233 -28.62 2.33 -2.87
CA GLN B 233 -29.90 2.11 -3.59
C GLN B 233 -29.61 1.47 -4.96
N MET B 234 -30.16 0.28 -5.21
CA MET B 234 -30.01 -0.35 -6.53
C MET B 234 -30.33 0.62 -7.66
N ASP B 235 -29.41 0.66 -8.63
CA ASP B 235 -29.49 1.53 -9.82
C ASP B 235 -29.47 3.01 -9.58
N ALA B 236 -28.96 3.44 -8.43
CA ALA B 236 -28.76 4.86 -8.17
C ALA B 236 -27.73 5.46 -9.10
N PHE B 237 -26.79 4.63 -9.54
CA PHE B 237 -25.73 5.06 -10.45
C PHE B 237 -25.73 4.27 -11.74
N GLN B 238 -25.22 4.88 -12.81
CA GLN B 238 -25.09 4.20 -14.09
C GLN B 238 -23.83 4.69 -14.81
N GLU B 239 -23.48 4.00 -15.90
CA GLU B 239 -22.40 4.46 -16.75
C GLU B 239 -22.80 5.71 -17.52
N ARG B 240 -22.05 6.78 -17.31
CA ARG B 240 -22.15 8.00 -18.08
C ARG B 240 -20.77 8.29 -18.69
N VAL B 241 -20.70 8.39 -20.02
CA VAL B 241 -19.44 8.76 -20.68
C VAL B 241 -19.18 10.27 -20.51
N SER B 242 -20.26 11.06 -20.34
CA SER B 242 -20.14 12.44 -19.85
C SER B 242 -20.62 12.64 -18.40
N PRO B 243 -19.85 12.12 -17.44
CA PRO B 243 -20.26 12.14 -16.03
C PRO B 243 -20.11 13.50 -15.37
N GLU B 244 -20.96 13.77 -14.40
CA GLU B 244 -20.76 14.85 -13.43
C GLU B 244 -19.82 14.33 -12.33
N LEU B 245 -19.22 15.24 -11.58
CA LEU B 245 -18.35 14.89 -10.45
C LEU B 245 -19.08 14.00 -9.46
N GLY B 246 -20.36 14.33 -9.23
CA GLY B 246 -21.22 13.52 -8.40
C GLY B 246 -21.41 12.10 -8.86
N ASP B 247 -21.06 11.79 -10.12
CA ASP B 247 -21.19 10.43 -10.63
C ASP B 247 -19.92 9.60 -10.44
N THR B 248 -18.87 10.21 -9.89
CA THR B 248 -17.57 9.55 -9.80
C THR B 248 -17.24 9.13 -8.38
N LEU B 249 -16.11 8.45 -8.23
CA LEU B 249 -15.59 8.08 -6.92
C LEU B 249 -15.15 9.27 -6.08
N PHE B 250 -14.86 10.39 -6.73
CA PHE B 250 -14.35 11.55 -6.00
C PHE B 250 -15.40 12.16 -5.05
N ALA B 251 -16.68 12.04 -5.39
CA ALA B 251 -17.76 12.73 -4.67
C ALA B 251 -17.93 12.24 -3.23
N LEU B 252 -17.71 10.96 -3.02
CA LEU B 252 -17.83 10.40 -1.69
C LEU B 252 -16.79 10.91 -0.67
N PHE B 253 -15.76 11.60 -1.15
CA PHE B 253 -14.73 12.19 -0.28
C PHE B 253 -15.01 13.63 0.20
N LYS B 254 -16.07 14.25 -0.33
CA LYS B 254 -16.46 15.58 0.17
C LYS B 254 -17.39 15.39 1.35
N THR B 255 -16.83 14.86 2.45
CA THR B 255 -17.53 14.67 3.71
C THR B 255 -16.89 15.47 4.83
N GLN B 256 -17.69 15.73 5.87
CA GLN B 256 -17.27 16.48 7.06
C GLN B 256 -15.97 15.98 7.69
N GLU B 257 -15.80 14.67 7.76
CA GLU B 257 -14.58 14.06 8.31
C GLU B 257 -13.28 14.58 7.70
N LEU B 258 -13.33 15.12 6.48
CA LEU B 258 -12.12 15.50 5.74
C LEU B 258 -12.00 17.01 5.52
N LEU B 259 -12.99 17.75 6.02
CA LEU B 259 -13.01 19.20 5.86
C LEU B 259 -12.64 19.92 7.15
N ASP B 260 -12.00 21.08 7.02
CA ASP B 260 -11.77 21.93 8.19
C ASP B 260 -13.12 22.51 8.66
N ASP B 261 -13.09 23.38 9.66
CA ASP B 261 -14.31 23.97 10.21
C ASP B 261 -14.97 24.94 9.22
N ARG B 262 -14.16 25.51 8.33
CA ARG B 262 -14.63 26.39 7.28
C ARG B 262 -15.24 25.60 6.10
N GLY B 263 -15.13 24.28 6.16
CA GLY B 263 -15.69 23.38 5.14
C GLY B 263 -14.78 23.13 3.94
N VAL B 264 -13.51 23.51 4.07
CA VAL B 264 -12.52 23.32 3.01
C VAL B 264 -11.79 22.01 3.31
N ILE B 265 -11.66 21.15 2.29
CA ILE B 265 -10.91 19.90 2.44
C ILE B 265 -9.49 20.18 2.92
N LEU B 266 -9.00 19.37 3.85
CA LEU B 266 -7.61 19.50 4.30
C LEU B 266 -6.67 19.17 3.14
N GLU B 267 -5.55 19.89 3.08
CA GLU B 267 -4.58 19.69 2.04
C GLU B 267 -4.09 18.26 1.97
N VAL B 268 -3.92 17.61 3.11
CA VAL B 268 -3.45 16.22 3.12
C VAL B 268 -4.48 15.26 2.45
N HIS B 269 -5.77 15.57 2.62
CA HIS B 269 -6.79 14.74 2.00
C HIS B 269 -6.88 15.07 0.51
N ALA B 270 -6.70 16.34 0.15
CA ALA B 270 -6.60 16.73 -1.26
C ALA B 270 -5.46 15.97 -1.96
N TRP B 271 -4.33 15.81 -1.26
CA TRP B 271 -3.21 15.03 -1.80
C TRP B 271 -3.63 13.59 -2.08
N ALA B 272 -4.45 13.02 -1.21
CA ALA B 272 -4.89 11.63 -1.38
C ALA B 272 -5.77 11.47 -2.62
N LEU B 273 -6.60 12.48 -2.92
CA LEU B 273 -7.38 12.51 -4.17
C LEU B 273 -6.53 12.73 -5.40
N ASP B 274 -5.53 13.60 -5.32
CA ASP B 274 -4.58 13.75 -6.41
C ASP B 274 -3.93 12.41 -6.77
N ALA B 275 -3.57 11.65 -5.73
CA ALA B 275 -2.82 10.41 -5.92
C ALA B 275 -3.74 9.42 -6.60
N LEU B 276 -4.96 9.33 -6.08
CA LEU B 276 -5.98 8.48 -6.68
C LEU B 276 -6.18 8.81 -8.18
N MET B 277 -6.34 10.10 -8.48
CA MET B 277 -6.49 10.57 -9.84
C MET B 277 -5.32 10.15 -10.72
N LEU B 278 -4.09 10.40 -10.26
CA LEU B 278 -2.88 10.04 -11.01
C LEU B 278 -2.79 8.51 -11.25
N LYS B 279 -3.16 7.73 -10.24
CA LYS B 279 -2.96 6.28 -10.34
C LYS B 279 -3.88 5.62 -11.37
N LEU B 280 -5.05 6.23 -11.57
CA LEU B 280 -6.06 5.74 -12.51
C LEU B 280 -5.86 6.21 -13.94
N ARG B 281 -4.94 7.16 -14.11
CA ARG B 281 -4.65 7.80 -15.40
C ARG B 281 -4.43 6.85 -16.53
N ASN B 282 -3.61 5.83 -16.30
CA ASN B 282 -3.22 4.88 -17.36
C ASN B 282 -4.16 3.69 -17.54
N LEU B 283 -5.37 3.78 -17.01
CA LEU B 283 -6.36 2.74 -17.27
C LEU B 283 -7.33 3.21 -18.36
N ASN B 284 -7.14 2.67 -19.55
CA ASN B 284 -8.08 2.79 -20.65
C ASN B 284 -9.32 2.00 -20.24
N VAL B 285 -10.46 2.66 -20.11
CA VAL B 285 -11.67 2.03 -19.56
C VAL B 285 -12.72 1.59 -20.60
N PHE B 286 -13.29 0.40 -20.37
CA PHE B 286 -14.27 -0.22 -21.22
C PHE B 286 -15.25 -0.93 -20.30
N SER B 287 -16.45 -1.17 -20.83
CA SER B 287 -17.41 -2.01 -20.14
C SER B 287 -17.94 -3.07 -21.11
N ALA B 288 -18.31 -4.21 -20.56
CA ALA B 288 -18.78 -5.35 -21.34
C ALA B 288 -19.96 -5.99 -20.63
N ASP B 289 -21.06 -6.15 -21.36
CA ASP B 289 -22.21 -6.87 -20.84
C ASP B 289 -22.00 -8.38 -20.94
N LEU B 290 -22.23 -9.07 -19.84
CA LEU B 290 -22.00 -10.51 -19.77
C LEU B 290 -23.30 -11.35 -19.79
N SER B 291 -24.36 -10.85 -20.42
CA SER B 291 -25.64 -11.57 -20.45
C SER B 291 -25.68 -12.77 -21.41
N GLY B 292 -24.65 -12.90 -22.24
CA GLY B 292 -24.53 -14.07 -23.10
C GLY B 292 -23.99 -15.32 -22.41
N THR B 293 -23.70 -16.35 -23.20
CA THR B 293 -23.05 -17.58 -22.74
C THR B 293 -21.56 -17.30 -22.50
N PRO B 294 -20.86 -18.18 -21.80
CA PRO B 294 -19.41 -18.03 -21.65
C PRO B 294 -18.70 -17.73 -22.98
N ARG B 295 -19.05 -18.46 -24.05
CA ARG B 295 -18.48 -18.20 -25.38
C ARG B 295 -18.85 -16.80 -25.88
N GLN B 296 -20.12 -16.43 -25.74
CA GLN B 296 -20.58 -15.10 -26.16
C GLN B 296 -19.88 -13.96 -25.41
N CYS B 297 -19.73 -14.15 -24.09
CA CYS B 297 -19.05 -13.18 -23.22
C CYS B 297 -17.61 -12.96 -23.65
N ALA B 298 -16.86 -14.04 -23.85
CA ALA B 298 -15.48 -13.93 -24.29
C ALA B 298 -15.39 -13.20 -25.62
N ALA B 299 -16.33 -13.48 -26.52
CA ALA B 299 -16.41 -12.81 -27.81
C ALA B 299 -16.63 -11.30 -27.66
N VAL B 300 -17.54 -10.92 -26.76
CA VAL B 300 -17.76 -9.50 -26.44
C VAL B 300 -16.46 -8.81 -25.97
N VAL B 301 -15.73 -9.46 -25.06
CA VAL B 301 -14.48 -8.87 -24.57
C VAL B 301 -13.45 -8.81 -25.69
N GLU B 302 -13.38 -9.86 -26.51
CA GLU B 302 -12.41 -9.91 -27.59
C GLU B 302 -12.67 -8.85 -28.66
N SER B 303 -13.94 -8.51 -28.85
CA SER B 303 -14.27 -7.45 -29.80
C SER B 303 -13.66 -6.11 -29.39
N LEU B 304 -13.25 -6.00 -28.11
CA LEU B 304 -12.67 -4.77 -27.59
C LEU B 304 -11.18 -4.64 -27.85
N LEU B 305 -10.49 -5.75 -28.02
CA LEU B 305 -9.04 -5.74 -28.25
C LEU B 305 -8.50 -4.69 -29.24
N PRO B 306 -9.11 -4.55 -30.44
CA PRO B 306 -8.63 -3.55 -31.41
C PRO B 306 -8.73 -2.12 -30.90
N LEU B 307 -9.52 -1.89 -29.86
CA LEU B 307 -9.63 -0.56 -29.25
C LEU B 307 -8.64 -0.31 -28.12
N MET B 308 -7.91 -1.34 -27.73
CA MET B 308 -7.16 -1.27 -26.48
C MET B 308 -5.74 -0.79 -26.67
N SER B 309 -5.14 -0.31 -25.59
CA SER B 309 -3.72 0.06 -25.62
C SER B 309 -2.90 -1.21 -25.61
N SER B 310 -1.81 -1.17 -26.38
CA SER B 310 -0.76 -2.19 -26.37
C SER B 310 0.56 -1.55 -26.02
N THR B 311 1.47 -2.34 -25.45
CA THR B 311 2.81 -1.90 -25.12
C THR B 311 3.80 -2.76 -25.93
N LEU B 312 5.05 -2.31 -26.02
CA LEU B 312 6.09 -3.10 -26.67
C LEU B 312 7.06 -3.65 -25.62
N SER B 313 7.08 -4.97 -25.52
CA SER B 313 7.91 -5.68 -24.58
C SER B 313 8.96 -6.49 -25.36
N ASP B 314 10.03 -6.92 -24.70
CA ASP B 314 11.00 -7.81 -25.35
C ASP B 314 10.66 -9.27 -25.09
N PHE B 315 11.33 -10.18 -25.82
CA PHE B 315 11.05 -11.62 -25.73
C PHE B 315 11.22 -12.19 -24.33
N ASP B 316 12.28 -11.78 -23.63
CA ASP B 316 12.53 -12.26 -22.27
C ASP B 316 11.43 -11.84 -21.28
N SER B 317 10.97 -10.60 -21.43
CA SER B 317 9.92 -10.07 -20.54
C SER B 317 8.62 -10.83 -20.78
N ALA B 318 8.30 -11.11 -22.04
CA ALA B 318 7.11 -11.88 -22.36
C ALA B 318 7.20 -13.30 -21.83
N SER B 319 8.40 -13.89 -21.89
CA SER B 319 8.60 -15.24 -21.40
C SER B 319 8.37 -15.31 -19.87
N ALA B 320 8.86 -14.29 -19.18
CA ALA B 320 8.66 -14.15 -17.74
C ALA B 320 7.18 -13.95 -17.38
N LEU B 321 6.45 -13.18 -18.19
CA LEU B 321 4.99 -13.07 -17.98
C LEU B 321 4.33 -14.42 -18.14
N GLU B 322 4.76 -15.19 -19.14
CA GLU B 322 4.24 -16.54 -19.37
C GLU B 322 4.47 -17.45 -18.14
N ARG B 323 5.67 -17.42 -17.60
CA ARG B 323 5.98 -18.12 -16.36
C ARG B 323 5.13 -17.63 -15.19
N ALA B 324 4.89 -16.33 -15.12
CA ALA B 324 4.16 -15.75 -13.99
C ALA B 324 2.70 -16.22 -13.96
N ALA B 325 2.08 -16.31 -15.13
CA ALA B 325 0.70 -16.82 -15.21
C ALA B 325 0.66 -18.30 -14.78
N ARG B 326 1.64 -19.08 -15.24
CA ARG B 326 1.77 -20.50 -14.87
C ARG B 326 1.91 -20.66 -13.36
N THR B 327 2.86 -19.93 -12.79
CA THR B 327 3.08 -19.94 -11.34
C THR B 327 1.81 -19.56 -10.58
N PHE B 328 1.20 -18.44 -10.98
CA PHE B 328 0.03 -17.90 -10.28
C PHE B 328 -1.15 -18.87 -10.31
N ASN B 329 -1.45 -19.42 -11.49
CA ASN B 329 -2.50 -20.42 -11.62
C ASN B 329 -2.22 -21.62 -10.70
N ALA B 330 -0.97 -22.08 -10.70
CA ALA B 330 -0.57 -23.23 -9.91
C ALA B 330 -0.70 -23.02 -8.41
N GLU B 331 -0.28 -21.85 -7.91
CA GLU B 331 -0.25 -21.62 -6.47
C GLU B 331 -1.55 -21.06 -5.93
N MET B 332 -2.37 -20.44 -6.78
CA MET B 332 -3.60 -19.79 -6.33
C MET B 332 -4.87 -20.64 -6.38
N GLY B 333 -4.79 -21.79 -7.04
CA GLY B 333 -5.95 -22.66 -7.19
C GLY B 333 -5.94 -23.71 -6.09
S SO4 C . 12.16 10.54 18.51
O1 SO4 C . 13.29 9.64 18.15
O2 SO4 C . 10.97 9.77 18.85
O3 SO4 C . 12.62 11.34 19.64
O4 SO4 C . 11.86 11.42 17.41
S SO4 D . -12.45 6.20 13.11
O1 SO4 D . -11.22 6.94 13.37
O2 SO4 D . -12.19 4.95 12.39
O3 SO4 D . -13.06 5.83 14.39
O4 SO4 D . -13.34 7.08 12.37
S SO4 E . 13.05 6.63 -10.95
O1 SO4 E . 13.63 6.10 -12.18
O2 SO4 E . 11.61 6.59 -11.03
O3 SO4 E . 13.56 5.81 -9.88
O4 SO4 E . 13.45 8.01 -10.70
O5' THM F . 6.24 7.27 16.83
C5' THM F . 5.10 7.73 17.53
C4' THM F . 4.44 6.59 18.31
O4' THM F . 3.81 5.70 17.38
C3' THM F . 5.38 5.73 19.14
O3' THM F . 4.73 5.34 20.34
C2' THM F . 5.60 4.48 18.29
C1' THM F . 4.30 4.38 17.49
N1 THM F . 4.43 3.87 16.12
C2 THM F . 3.87 2.61 15.82
O2 THM F . 3.33 1.91 16.73
N3 THM F . 3.89 2.12 14.58
C4 THM F . 4.46 2.81 13.57
O4 THM F . 4.46 2.28 12.45
C5 THM F . 5.07 4.15 13.82
C5M THM F . 5.74 4.98 12.74
C6 THM F . 4.99 4.63 15.14
S SO4 G . -17.38 -13.71 -11.14
O1 SO4 G . -16.06 -14.15 -11.59
O2 SO4 G . -18.32 -14.79 -11.49
O3 SO4 G . -17.45 -13.50 -9.69
O4 SO4 G . -17.74 -12.48 -11.82
S SO4 H . -3.51 -15.86 10.11
O1 SO4 H . -3.32 -14.41 10.24
O2 SO4 H . -2.26 -16.61 10.23
O3 SO4 H . -4.42 -16.28 11.18
O4 SO4 H . -4.07 -16.19 8.79
S SO4 I . 5.37 4.44 -17.24
O1 SO4 I . 5.94 4.29 -15.91
O2 SO4 I . 5.49 3.16 -17.91
O3 SO4 I . 3.98 4.84 -17.12
O4 SO4 I . 6.07 5.46 -18.00
O5' THM J . -14.35 -12.22 -5.02
C5' THM J . -14.46 -13.35 -4.18
C4' THM J . -15.20 -13.02 -2.88
O4' THM J . -14.46 -12.12 -2.05
C3' THM J . -16.56 -12.36 -3.04
O3' THM J . -17.35 -12.81 -1.96
C2' THM J . -16.32 -10.86 -2.83
C1' THM J . -15.16 -10.88 -1.85
N1 THM J . -14.18 -9.79 -1.99
C2 THM J . -14.09 -8.84 -0.95
O2 THM J . -14.85 -8.90 0.02
N3 THM J . -13.19 -7.84 -1.01
C4 THM J . -12.35 -7.75 -2.06
O4 THM J . -11.51 -6.83 -2.14
C5 THM J . -12.43 -8.74 -3.16
C5M THM J . -11.49 -8.63 -4.35
C6 THM J . -13.37 -9.75 -3.07
#